data_8K7X
#
_entry.id   8K7X
#
_cell.length_a   59.592
_cell.length_b   111.571
_cell.length_c   153.010
_cell.angle_alpha   90.00
_cell.angle_beta   90.00
_cell.angle_gamma   90.00
#
_symmetry.space_group_name_H-M   'P 21 21 21'
#
loop_
_entity.id
_entity.type
_entity.pdbx_description
1 polymer beta-L-arabinofuranosidase
2 non-polymer 'ZINC ION'
3 non-polymer 2-AMINO-2-HYDROXYMETHYL-PROPANE-1,3-DIOL
4 non-polymer 'SODIUM ION'
5 non-polymer GLYCEROL
6 non-polymer 'MAGNESIUM ION'
7 water water
#
_entity_poly.entity_id   1
_entity_poly.type   'polypeptide(L)'
_entity_poly.pdbx_seq_one_letter_code
;MENVTVADEYLQNAGKKEVEYLLSFEPDRLLVEFRAQAGLDTKGAKNYGGWENGPDESRNPDGSSKPGRFTGHFVGHWIS
AASQAQRSTFATADQKAQLSANLTAVVKGIREAQEAYAKKDTANAGFFPAFSASVVPNGGGGLIVPFYNLHKVEAGMVQA
YDYSTDAETRETAKAAAVDFAKWVVNWKSAHASTDMLRTEYGGMNDALYQVAEIADASDKQTVLTAAHLFDETALFQKLA
NGQDPLNGLHANTTIPKLTGAMQRYVAYTEDEDLYNSLSADERGKLTSLYLKAAQNFFDIVVKDHTYVNGGNSQSEHFHV
AGELWKDATQNGDQNGGYRNFSTVETCNEYNMLKLARILFQVTKDSKYSEYYEHTFINAIVASQNPETGMTTYFQPMKAG
YPKVFGITGTDYDADWFGGAIGEYWCCQGTGIENFAKLNDSFYFTDENNVYVNMFWSSTYTDTRHNLTITQTANVPKTED
VTFEVSGTGSANLKLRVPDWAITNGVKLVVDGTEQALTKDENGWVTVAIKDGAKITYTLPAKLQAIDAADNKDWVAFQYG
PVVLAGALTDTNYKTNYSYGGVKVRVANYDSEANAKAAVIPTSGSVTDWLKGIKEDASEGSNLVRTDDPNTGNRETLSFK
FANVDGDAADLTLQPYYSTYKTTYAIYWDMAEVDSETYQNNIFKKKTDAATQSIIIDAVDAFDNEFQQELAHNAAKSDDS
NAGTYEDKQYRDAKADGWFSYDLKVNTEADAKNYLSVQYQSADAGRTFSMIVDPTPVADNSKGEVSANAKTYTVTIENKG
LKAFYWDVQQLPADLIAEAKDGKVRVLFKSTGGLVGGVYGVRMQNAAALEHHHHHH
;
_entity_poly.pdbx_strand_id   A
#
loop_
_chem_comp.id
_chem_comp.type
_chem_comp.name
_chem_comp.formula
GOL non-polymer GLYCEROL 'C3 H8 O3'
MG non-polymer 'MAGNESIUM ION' 'Mg 2'
NA non-polymer 'SODIUM ION' 'Na 1'
TRS non-polymer 2-AMINO-2-HYDROXYMETHYL-PROPANE-1,3-DIOL 'C4 H12 N O3 1'
ZN non-polymer 'ZINC ION' 'Zn 2'
#
# COMPACT_ATOMS: atom_id res chain seq x y z
N MET A 1 4.29 2.79 -22.32
CA MET A 1 3.92 3.30 -20.98
C MET A 1 2.41 3.62 -20.96
N GLU A 2 1.73 3.04 -19.94
CA GLU A 2 0.32 3.26 -19.66
C GLU A 2 0.10 4.75 -19.37
N ASN A 3 -1.05 5.29 -19.79
CA ASN A 3 -1.58 6.55 -19.28
C ASN A 3 -3.04 6.27 -18.91
N VAL A 4 -3.44 6.61 -17.69
CA VAL A 4 -4.76 6.23 -17.23
C VAL A 4 -5.37 7.43 -16.55
N THR A 5 -6.40 8.01 -17.16
CA THR A 5 -7.15 9.07 -16.53
C THR A 5 -8.27 8.44 -15.72
N VAL A 6 -8.64 9.07 -14.60
CA VAL A 6 -9.56 8.52 -13.65
C VAL A 6 -10.79 9.40 -13.58
N ALA A 7 -11.94 8.80 -13.83
CA ALA A 7 -13.19 9.54 -13.83
C ALA A 7 -13.94 9.29 -12.53
N ASP A 8 -13.56 8.31 -11.74
CA ASP A 8 -14.23 8.05 -10.47
C ASP A 8 -14.06 9.25 -9.55
N GLU A 9 -15.17 9.80 -9.02
CA GLU A 9 -15.08 11.02 -8.25
C GLU A 9 -14.41 10.81 -6.90
N TYR A 10 -14.63 9.66 -6.25
CA TYR A 10 -14.00 9.42 -4.95
C TYR A 10 -12.49 9.32 -5.09
N LEU A 11 -12.02 8.61 -6.11
CA LEU A 11 -10.57 8.47 -6.31
C LEU A 11 -9.97 9.78 -6.83
N GLN A 12 -10.72 10.56 -7.62
CA GLN A 12 -10.19 11.87 -8.06
C GLN A 12 -9.90 12.77 -6.86
N ASN A 13 -10.83 12.81 -5.88
CA ASN A 13 -10.65 13.63 -4.69
C ASN A 13 -9.44 13.15 -3.92
N ALA A 14 -9.33 11.83 -3.78
CA ALA A 14 -8.25 11.26 -2.99
C ALA A 14 -6.89 11.65 -3.58
N GLY A 15 -6.75 11.52 -4.89
CA GLY A 15 -5.50 11.81 -5.57
C GLY A 15 -5.18 13.31 -5.61
N LYS A 16 -6.22 14.15 -5.80
CA LYS A 16 -6.02 15.59 -5.82
C LYS A 16 -5.56 16.09 -4.45
N LYS A 17 -6.12 15.55 -3.36
CA LYS A 17 -5.69 15.99 -2.06
C LYS A 17 -4.20 15.68 -1.89
N GLU A 18 -3.75 14.48 -2.30
CA GLU A 18 -2.37 14.09 -2.14
C GLU A 18 -1.42 15.03 -2.90
N VAL A 19 -1.79 15.45 -4.13
CA VAL A 19 -0.95 16.38 -4.90
C VAL A 19 -0.81 17.67 -4.12
N GLU A 20 -1.92 18.16 -3.53
CA GLU A 20 -1.87 19.39 -2.73
C GLU A 20 -0.94 19.23 -1.53
N TYR A 21 -1.06 18.10 -0.84
CA TYR A 21 -0.17 17.85 0.28
C TYR A 21 1.30 17.84 -0.20
N LEU A 22 1.59 17.15 -1.29
CA LEU A 22 2.99 17.01 -1.71
C LEU A 22 3.60 18.39 -2.00
N LEU A 23 2.77 19.28 -2.55
CA LEU A 23 3.16 20.64 -2.90
C LEU A 23 3.38 21.53 -1.67
N SER A 24 2.99 21.10 -0.46
CA SER A 24 3.14 21.91 0.73
C SER A 24 4.52 21.82 1.35
N PHE A 25 5.38 20.91 0.88
CA PHE A 25 6.71 20.72 1.43
C PHE A 25 7.74 21.64 0.76
N GLU A 26 8.65 22.20 1.57
CA GLU A 26 9.71 23.07 1.07
C GLU A 26 10.98 22.26 0.94
N PRO A 27 11.62 22.25 -0.25
CA PRO A 27 12.89 21.55 -0.41
C PRO A 27 13.95 21.84 0.64
N ASP A 28 14.11 23.10 1.05
CA ASP A 28 15.18 23.38 1.98
C ASP A 28 14.95 22.72 3.33
N ARG A 29 13.68 22.56 3.75
CA ARG A 29 13.40 21.92 5.02
C ARG A 29 13.54 20.37 4.91
N LEU A 30 13.16 19.80 3.76
CA LEU A 30 13.45 18.37 3.53
C LEU A 30 14.95 18.05 3.53
N LEU A 31 15.77 19.02 3.10
CA LEU A 31 17.21 18.82 2.91
C LEU A 31 18.05 19.09 4.15
N VAL A 32 17.46 19.64 5.23
CA VAL A 32 18.24 20.13 6.36
C VAL A 32 19.24 19.11 6.91
N GLU A 33 18.75 17.90 7.21
CA GLU A 33 19.59 16.94 7.89
C GLU A 33 20.68 16.42 6.98
N PHE A 34 20.38 16.24 5.69
CA PHE A 34 21.42 15.82 4.75
C PHE A 34 22.55 16.86 4.73
N ARG A 35 22.16 18.12 4.60
CA ARG A 35 23.11 19.22 4.58
C ARG A 35 23.95 19.26 5.85
N ALA A 36 23.29 19.15 7.00
CA ALA A 36 23.97 19.32 8.27
C ALA A 36 25.02 18.23 8.45
N GLN A 37 24.64 16.97 8.14
CA GLN A 37 25.55 15.86 8.32
C GLN A 37 26.68 15.92 7.30
N ALA A 38 26.51 16.62 6.17
CA ALA A 38 27.51 16.69 5.14
C ALA A 38 28.38 17.95 5.30
N GLY A 39 28.05 18.80 6.27
CA GLY A 39 28.85 20.01 6.53
C GLY A 39 28.43 21.16 5.64
N LEU A 40 27.22 21.11 5.06
CA LEU A 40 26.81 22.12 4.11
C LEU A 40 25.91 23.12 4.83
N ASP A 41 25.78 24.28 4.21
CA ASP A 41 24.96 25.34 4.80
C ASP A 41 23.49 24.89 4.86
N THR A 42 22.85 24.96 6.03
CA THR A 42 21.44 24.59 6.14
C THR A 42 20.46 25.75 5.93
N LYS A 43 20.99 26.97 5.75
CA LYS A 43 20.23 28.18 5.49
C LYS A 43 19.30 28.52 6.65
N GLY A 44 19.70 28.13 7.86
CA GLY A 44 18.95 28.25 9.10
C GLY A 44 17.56 27.58 9.08
N ALA A 45 17.28 26.71 8.10
CA ALA A 45 16.01 26.01 8.04
C ALA A 45 15.92 24.96 9.14
N LYS A 46 14.69 24.68 9.58
CA LYS A 46 14.42 23.59 10.48
C LYS A 46 13.93 22.38 9.66
N ASN A 47 14.24 21.19 10.13
CA ASN A 47 13.69 19.98 9.51
C ASN A 47 12.19 19.96 9.81
N TYR A 48 11.48 18.95 9.26
CA TYR A 48 10.03 18.90 9.46
C TYR A 48 9.62 18.30 10.79
N GLY A 49 10.55 17.80 11.60
CA GLY A 49 10.24 17.33 12.94
C GLY A 49 9.62 15.94 12.93
N GLY A 50 9.15 15.56 14.11
CA GLY A 50 8.65 14.21 14.32
C GLY A 50 9.70 13.16 13.97
N TRP A 51 9.29 12.18 13.16
CA TRP A 51 10.24 11.14 12.76
C TRP A 51 11.36 11.72 11.89
N GLU A 52 11.22 12.95 11.37
CA GLU A 52 12.23 13.63 10.59
C GLU A 52 13.08 14.63 11.40
N ASN A 53 12.88 14.66 12.73
CA ASN A 53 13.87 15.25 13.63
C ASN A 53 15.25 14.66 13.30
N GLY A 54 16.28 15.44 13.61
CA GLY A 54 17.63 14.94 13.69
C GLY A 54 18.12 14.97 15.15
N PRO A 55 19.45 14.87 15.35
CA PRO A 55 20.05 14.85 16.70
C PRO A 55 20.07 16.22 17.39
N ASP A 56 19.98 17.30 16.61
CA ASP A 56 20.31 18.65 17.06
C ASP A 56 19.07 19.48 17.42
N GLU A 57 19.04 20.01 18.65
CA GLU A 57 17.91 20.75 19.17
C GLU A 57 17.66 22.01 18.38
N SER A 58 18.67 22.63 17.76
CA SER A 58 18.43 23.88 17.06
C SER A 58 17.80 23.67 15.69
N ARG A 59 17.89 22.46 15.14
CA ARG A 59 17.32 22.17 13.82
C ARG A 59 15.93 21.51 13.94
N ASN A 60 15.60 20.95 15.11
CA ASN A 60 14.34 20.29 15.39
C ASN A 60 13.28 21.30 15.83
N PRO A 61 12.12 21.38 15.13
CA PRO A 61 11.04 22.28 15.52
C PRO A 61 10.66 22.18 17.01
N ASP A 62 10.69 20.98 17.57
CA ASP A 62 10.26 20.79 18.94
C ASP A 62 11.41 21.07 19.91
N GLY A 63 12.62 21.34 19.45
CA GLY A 63 13.70 21.72 20.36
C GLY A 63 14.34 20.54 21.09
N SER A 64 14.01 19.28 20.70
CA SER A 64 14.46 18.12 21.42
C SER A 64 15.89 17.77 20.98
N SER A 65 16.57 17.05 21.86
CA SER A 65 17.92 16.60 21.62
C SER A 65 17.96 15.07 21.52
N LYS A 66 18.52 14.56 20.41
CA LYS A 66 18.66 13.13 20.14
C LYS A 66 17.38 12.35 20.44
N PRO A 67 16.23 12.78 19.90
CA PRO A 67 14.98 12.01 20.09
C PRO A 67 14.97 10.73 19.24
N GLY A 68 14.14 9.74 19.62
CA GLY A 68 13.81 8.63 18.74
C GLY A 68 13.31 9.18 17.40
N ARG A 69 13.95 8.75 16.31
CA ARG A 69 13.75 9.34 15.00
C ARG A 69 14.15 8.35 13.91
N PHE A 70 13.72 8.65 12.67
CA PHE A 70 13.85 7.80 11.50
C PHE A 70 14.30 8.66 10.32
N THR A 71 15.31 9.50 10.57
CA THR A 71 15.65 10.57 9.65
C THR A 71 15.91 10.07 8.23
N GLY A 72 15.26 10.75 7.28
CA GLY A 72 15.40 10.44 5.87
C GLY A 72 14.25 9.59 5.32
N HIS A 73 13.53 8.87 6.18
CA HIS A 73 12.58 7.87 5.71
C HIS A 73 11.45 8.56 4.92
N PHE A 74 10.93 9.65 5.50
CA PHE A 74 9.81 10.32 4.85
C PHE A 74 10.27 11.19 3.67
N VAL A 75 11.47 11.81 3.78
CA VAL A 75 12.05 12.46 2.61
C VAL A 75 12.12 11.51 1.43
N GLY A 76 12.56 10.27 1.68
CA GLY A 76 12.61 9.26 0.63
C GLY A 76 11.24 8.96 0.02
N HIS A 77 10.24 8.79 0.87
CA HIS A 77 8.86 8.56 0.39
C HIS A 77 8.39 9.76 -0.43
N TRP A 78 8.72 10.97 0.02
CA TRP A 78 8.34 12.17 -0.69
C TRP A 78 8.94 12.22 -2.10
N ILE A 79 10.23 11.85 -2.23
CA ILE A 79 10.83 11.76 -3.55
C ILE A 79 10.07 10.73 -4.38
N SER A 80 9.76 9.57 -3.79
CA SER A 80 8.98 8.56 -4.53
C SER A 80 7.64 9.17 -5.01
N ALA A 81 6.89 9.76 -4.07
CA ALA A 81 5.54 10.24 -4.34
C ALA A 81 5.52 11.42 -5.31
N ALA A 82 6.43 12.38 -5.16
CA ALA A 82 6.51 13.51 -6.08
C ALA A 82 6.90 13.07 -7.50
N SER A 83 7.67 11.98 -7.62
CA SER A 83 8.02 11.38 -8.89
C SER A 83 6.80 10.68 -9.48
N GLN A 84 6.14 9.87 -8.66
CA GLN A 84 4.92 9.17 -9.09
C GLN A 84 3.86 10.15 -9.60
N ALA A 85 3.73 11.29 -8.94
CA ALA A 85 2.76 12.30 -9.34
C ALA A 85 3.04 12.87 -10.73
N GLN A 86 4.30 12.83 -11.22
CA GLN A 86 4.64 13.29 -12.57
C GLN A 86 4.07 12.33 -13.61
N ARG A 87 4.08 11.02 -13.29
CA ARG A 87 3.60 10.01 -14.23
C ARG A 87 2.07 9.92 -14.17
N SER A 88 1.48 10.08 -12.98
CA SER A 88 0.05 9.96 -12.79
C SER A 88 -0.71 11.17 -13.36
N THR A 89 -2.04 11.13 -13.28
CA THR A 89 -2.87 12.08 -14.04
C THR A 89 -3.73 12.93 -13.10
N PHE A 90 -3.43 12.95 -11.79
CA PHE A 90 -4.20 13.77 -10.85
C PHE A 90 -3.74 15.22 -10.85
N ALA A 91 -2.42 15.48 -10.92
CA ALA A 91 -1.89 16.83 -10.85
C ALA A 91 -2.20 17.57 -12.16
N THR A 92 -2.55 18.86 -12.09
CA THR A 92 -2.61 19.69 -13.28
C THR A 92 -1.23 19.97 -13.86
N ALA A 93 -1.21 20.49 -15.10
CA ALA A 93 0.05 20.87 -15.72
C ALA A 93 0.85 21.81 -14.81
N ASP A 94 0.18 22.84 -14.21
CA ASP A 94 0.86 23.80 -13.36
C ASP A 94 1.35 23.15 -12.05
N GLN A 95 0.54 22.26 -11.45
CA GLN A 95 0.98 21.55 -10.25
C GLN A 95 2.21 20.69 -10.55
N LYS A 96 2.18 20.01 -11.71
CA LYS A 96 3.32 19.18 -12.08
C LYS A 96 4.58 19.98 -12.31
N ALA A 97 4.46 21.19 -12.89
CA ALA A 97 5.63 22.03 -13.11
C ALA A 97 6.27 22.43 -11.79
N GLN A 98 5.44 22.82 -10.83
CA GLN A 98 5.92 23.23 -9.51
C GLN A 98 6.51 22.02 -8.76
N LEU A 99 5.81 20.88 -8.77
CA LEU A 99 6.25 19.74 -8.00
C LEU A 99 7.52 19.16 -8.61
N SER A 100 7.63 19.21 -9.94
CA SER A 100 8.82 18.74 -10.61
C SER A 100 10.03 19.62 -10.27
N ALA A 101 9.83 20.94 -10.18
CA ALA A 101 10.90 21.83 -9.75
C ALA A 101 11.34 21.49 -8.34
N ASN A 102 10.37 21.22 -7.48
CA ASN A 102 10.67 20.84 -6.11
C ASN A 102 11.41 19.51 -6.03
N LEU A 103 10.98 18.52 -6.82
CA LEU A 103 11.66 17.23 -6.87
C LEU A 103 13.12 17.38 -7.30
N THR A 104 13.32 18.16 -8.38
CA THR A 104 14.66 18.40 -8.88
C THR A 104 15.53 19.01 -7.78
N ALA A 105 15.00 19.99 -7.03
CA ALA A 105 15.77 20.62 -5.96
C ALA A 105 16.16 19.62 -4.87
N VAL A 106 15.23 18.72 -4.51
CA VAL A 106 15.52 17.74 -3.48
C VAL A 106 16.54 16.70 -3.97
N VAL A 107 16.36 16.17 -5.20
CA VAL A 107 17.29 15.20 -5.75
C VAL A 107 18.69 15.81 -5.87
N LYS A 108 18.78 17.05 -6.42
CA LYS A 108 20.10 17.69 -6.54
C LYS A 108 20.72 17.97 -5.16
N GLY A 109 19.88 18.34 -4.19
CA GLY A 109 20.34 18.69 -2.85
C GLY A 109 20.93 17.46 -2.14
N ILE A 110 20.28 16.32 -2.30
CA ILE A 110 20.78 15.10 -1.68
C ILE A 110 22.09 14.66 -2.35
N ARG A 111 22.14 14.78 -3.66
CA ARG A 111 23.33 14.41 -4.43
C ARG A 111 24.49 15.28 -3.94
N GLU A 112 24.25 16.58 -3.82
CA GLU A 112 25.28 17.48 -3.31
C GLU A 112 25.73 17.12 -1.91
N ALA A 113 24.80 16.74 -1.02
CA ALA A 113 25.17 16.28 0.31
C ALA A 113 25.99 14.99 0.23
N GLN A 114 25.57 14.04 -0.64
CA GLN A 114 26.30 12.79 -0.84
C GLN A 114 27.75 13.08 -1.25
N GLU A 115 27.94 13.93 -2.24
CA GLU A 115 29.27 14.23 -2.74
C GLU A 115 30.13 14.96 -1.70
N ALA A 116 29.55 15.90 -0.95
CA ALA A 116 30.25 16.59 0.11
C ALA A 116 30.61 15.65 1.25
N TYR A 117 29.69 14.73 1.58
CA TYR A 117 29.95 13.75 2.62
C TYR A 117 31.13 12.84 2.19
N ALA A 118 31.20 12.49 0.92
CA ALA A 118 32.20 11.56 0.39
C ALA A 118 33.61 12.16 0.57
N LYS A 119 33.72 13.48 0.54
CA LYS A 119 35.02 14.13 0.76
C LYS A 119 35.35 14.22 2.24
N LYS A 120 34.34 14.40 3.10
CA LYS A 120 34.57 14.36 4.53
C LYS A 120 34.94 12.97 5.04
N ASP A 121 34.42 11.90 4.40
CA ASP A 121 34.54 10.55 4.96
C ASP A 121 34.68 9.57 3.81
N THR A 122 35.88 9.52 3.22
CA THR A 122 36.10 8.77 2.00
C THR A 122 35.68 7.30 2.12
N ALA A 123 35.94 6.68 3.29
CA ALA A 123 35.62 5.29 3.56
C ALA A 123 34.13 5.04 3.34
N ASN A 124 33.29 6.05 3.57
CA ASN A 124 31.86 5.90 3.43
C ASN A 124 31.32 6.68 2.25
N ALA A 125 32.16 6.94 1.24
CA ALA A 125 31.70 7.67 0.06
C ALA A 125 30.54 6.92 -0.60
N GLY A 126 29.48 7.69 -0.87
CA GLY A 126 28.26 7.19 -1.46
C GLY A 126 27.13 7.05 -0.45
N PHE A 127 27.45 7.00 0.85
CA PHE A 127 26.42 7.09 1.88
C PHE A 127 25.55 8.32 1.66
N PHE A 128 24.23 8.17 1.90
CA PHE A 128 23.30 9.29 1.95
C PHE A 128 23.30 9.81 3.37
N PRO A 129 23.78 11.04 3.63
CA PRO A 129 24.07 11.49 4.99
C PRO A 129 22.83 12.02 5.70
N ALA A 130 21.83 11.15 5.88
CA ALA A 130 20.61 11.55 6.60
C ALA A 130 20.87 11.63 8.12
N PHE A 131 21.90 10.90 8.59
CA PHE A 131 22.24 10.71 9.98
C PHE A 131 23.71 10.27 10.03
N SER A 132 24.25 10.00 11.22
CA SER A 132 25.65 9.58 11.33
C SER A 132 25.88 8.18 10.77
N ALA A 133 26.91 8.04 9.94
CA ALA A 133 27.27 6.72 9.43
C ALA A 133 27.70 5.77 10.55
N SER A 134 28.08 6.32 11.70
CA SER A 134 28.54 5.50 12.81
C SER A 134 27.42 4.65 13.40
N VAL A 135 26.13 4.94 13.14
CA VAL A 135 25.08 4.09 13.70
C VAL A 135 24.62 2.99 12.74
N VAL A 136 25.26 2.85 11.58
CA VAL A 136 24.91 1.75 10.70
C VAL A 136 25.48 0.45 11.28
N PRO A 137 24.79 -0.71 11.31
CA PRO A 137 23.43 -0.94 10.79
C PRO A 137 22.31 -1.06 11.81
N ASN A 138 22.64 -0.95 13.11
CA ASN A 138 21.64 -1.27 14.12
C ASN A 138 20.99 -0.05 14.75
N GLY A 139 21.44 1.16 14.41
CA GLY A 139 20.94 2.37 15.01
C GLY A 139 21.72 2.75 16.28
N GLY A 140 21.41 3.89 16.84
CA GLY A 140 22.12 4.40 18.00
C GLY A 140 21.79 5.87 18.17
N GLY A 141 21.92 6.36 19.42
CA GLY A 141 21.80 7.78 19.66
C GLY A 141 20.39 8.28 19.34
N GLY A 142 19.42 7.36 19.38
CA GLY A 142 18.03 7.68 19.05
C GLY A 142 17.69 7.47 17.57
N LEU A 143 18.67 7.26 16.68
CA LEU A 143 18.38 6.96 15.28
C LEU A 143 18.04 5.48 15.21
N ILE A 144 16.82 5.20 14.71
CA ILE A 144 16.28 3.86 14.62
C ILE A 144 16.36 3.38 13.16
N VAL A 145 16.58 2.05 13.00
CA VAL A 145 16.55 1.32 11.72
C VAL A 145 17.19 2.10 10.57
N PRO A 146 18.52 2.38 10.64
CA PRO A 146 19.16 3.16 9.59
C PRO A 146 18.99 2.68 8.15
N PHE A 147 19.16 1.37 7.91
CA PHE A 147 19.01 0.87 6.54
C PHE A 147 17.57 1.04 6.03
N TYR A 148 16.58 0.91 6.95
CA TYR A 148 15.20 1.13 6.57
C TYR A 148 15.02 2.56 6.04
N ASN A 149 15.66 3.53 6.70
CA ASN A 149 15.49 4.93 6.35
C ASN A 149 16.18 5.19 5.01
N LEU A 150 17.39 4.63 4.84
CA LEU A 150 18.18 4.80 3.64
C LEU A 150 17.49 4.15 2.44
N HIS A 151 16.83 3.02 2.69
CA HIS A 151 16.06 2.29 1.67
C HIS A 151 15.07 3.24 1.01
N LYS A 152 14.42 4.11 1.79
CA LYS A 152 13.43 5.02 1.18
C LYS A 152 14.07 6.03 0.23
N VAL A 153 15.27 6.52 0.57
CA VAL A 153 15.95 7.47 -0.29
C VAL A 153 16.37 6.76 -1.57
N GLU A 154 16.93 5.55 -1.43
CA GLU A 154 17.40 4.81 -2.60
C GLU A 154 16.22 4.47 -3.52
N ALA A 155 15.10 4.00 -2.96
CA ALA A 155 13.89 3.72 -3.75
C ALA A 155 13.39 4.99 -4.43
N GLY A 156 13.43 6.09 -3.69
CA GLY A 156 13.03 7.41 -4.19
C GLY A 156 13.84 7.79 -5.43
N MET A 157 15.14 7.58 -5.39
CA MET A 157 16.00 7.95 -6.51
C MET A 157 15.63 7.18 -7.78
N VAL A 158 15.28 5.88 -7.65
CA VAL A 158 14.85 5.11 -8.81
C VAL A 158 13.58 5.71 -9.39
N GLN A 159 12.60 6.06 -8.50
CA GLN A 159 11.38 6.65 -9.04
C GLN A 159 11.66 7.96 -9.79
N ALA A 160 12.54 8.82 -9.27
CA ALA A 160 12.91 10.07 -9.92
C ALA A 160 13.57 9.81 -11.27
N TYR A 161 14.43 8.79 -11.35
CA TYR A 161 15.05 8.41 -12.63
C TYR A 161 13.96 7.99 -13.62
N ASP A 162 12.99 7.22 -13.13
CA ASP A 162 11.95 6.68 -14.00
C ASP A 162 11.00 7.76 -14.49
N TYR A 163 10.65 8.74 -13.64
CA TYR A 163 9.47 9.55 -13.90
C TYR A 163 9.73 11.05 -14.03
N SER A 164 10.89 11.58 -13.63
CA SER A 164 11.18 12.99 -13.85
C SER A 164 11.25 13.25 -15.36
N THR A 165 10.69 14.40 -15.79
CA THR A 165 10.81 14.83 -17.18
C THR A 165 12.08 15.65 -17.38
N ASP A 166 12.87 15.82 -16.32
CA ASP A 166 14.07 16.63 -16.40
C ASP A 166 15.32 15.75 -16.52
N ALA A 167 16.03 15.85 -17.65
CA ALA A 167 17.13 14.95 -17.96
C ALA A 167 18.23 15.02 -16.90
N GLU A 168 18.60 16.22 -16.49
CA GLU A 168 19.60 16.36 -15.45
C GLU A 168 19.18 15.71 -14.13
N THR A 169 17.91 15.88 -13.76
CA THR A 169 17.39 15.22 -12.57
C THR A 169 17.50 13.69 -12.68
N ARG A 170 17.17 13.10 -13.83
CA ARG A 170 17.24 11.65 -13.99
C ARG A 170 18.70 11.18 -13.82
N GLU A 171 19.61 11.90 -14.45
CA GLU A 171 21.03 11.54 -14.41
C GLU A 171 21.61 11.69 -13.01
N THR A 172 21.19 12.73 -12.29
CA THR A 172 21.61 12.92 -10.92
C THR A 172 21.07 11.78 -10.04
N ALA A 173 19.81 11.38 -10.23
CA ALA A 173 19.23 10.33 -9.40
C ALA A 173 19.94 9.01 -9.62
N LYS A 174 20.25 8.72 -10.88
CA LYS A 174 20.95 7.49 -11.21
C LYS A 174 22.34 7.47 -10.57
N ALA A 175 23.07 8.60 -10.67
CA ALA A 175 24.41 8.66 -10.14
C ALA A 175 24.36 8.48 -8.64
N ALA A 176 23.37 9.14 -8.00
CA ALA A 176 23.23 9.03 -6.56
C ALA A 176 22.96 7.58 -6.16
N ALA A 177 22.00 6.93 -6.84
CA ALA A 177 21.60 5.57 -6.48
C ALA A 177 22.70 4.54 -6.69
N VAL A 178 23.45 4.65 -7.78
CA VAL A 178 24.57 3.73 -8.03
C VAL A 178 25.71 3.95 -7.05
N ASP A 179 26.02 5.19 -6.72
CA ASP A 179 27.04 5.46 -5.75
C ASP A 179 26.68 4.92 -4.36
N PHE A 180 25.39 4.97 -3.97
CA PHE A 180 24.94 4.40 -2.72
C PHE A 180 25.09 2.88 -2.73
N ALA A 181 24.74 2.22 -3.83
CA ALA A 181 24.96 0.80 -3.92
C ALA A 181 26.44 0.45 -3.76
N LYS A 182 27.32 1.22 -4.39
CA LYS A 182 28.75 0.94 -4.23
C LYS A 182 29.18 1.09 -2.76
N TRP A 183 28.59 2.10 -2.06
CA TRP A 183 28.81 2.27 -0.64
C TRP A 183 28.42 1.02 0.17
N VAL A 184 27.26 0.42 -0.15
CA VAL A 184 26.79 -0.76 0.55
C VAL A 184 27.86 -1.84 0.47
N VAL A 185 28.42 -2.05 -0.73
CA VAL A 185 29.41 -3.10 -0.95
C VAL A 185 30.69 -2.79 -0.18
N ASN A 186 31.17 -1.54 -0.25
CA ASN A 186 32.36 -1.11 0.48
C ASN A 186 32.18 -1.18 1.99
N TRP A 187 31.01 -0.74 2.47
CA TRP A 187 30.74 -0.77 3.89
C TRP A 187 30.75 -2.21 4.38
N LYS A 188 30.03 -3.09 3.66
CA LYS A 188 29.95 -4.46 4.13
C LYS A 188 31.31 -5.17 4.05
N SER A 189 32.15 -4.89 3.06
CA SER A 189 33.44 -5.57 3.02
C SER A 189 34.30 -5.08 4.19
N ALA A 190 34.14 -3.82 4.64
CA ALA A 190 34.88 -3.31 5.78
C ALA A 190 34.31 -3.83 7.11
N HIS A 191 33.06 -4.30 7.11
CA HIS A 191 32.39 -4.74 8.31
C HIS A 191 31.90 -6.18 8.08
N ALA A 192 32.84 -7.03 7.68
CA ALA A 192 32.52 -8.34 7.15
C ALA A 192 31.88 -9.22 8.22
N SER A 193 32.25 -9.04 9.48
CA SER A 193 31.71 -9.89 10.52
C SER A 193 30.42 -9.29 11.09
N THR A 194 29.94 -8.14 10.57
CA THR A 194 28.76 -7.51 11.15
C THR A 194 27.51 -8.02 10.42
N ASP A 195 26.50 -8.50 11.16
CA ASP A 195 25.26 -8.98 10.55
C ASP A 195 24.44 -7.76 10.13
N MET A 196 24.17 -7.53 8.85
CA MET A 196 23.36 -6.34 8.61
C MET A 196 21.91 -6.64 8.27
N LEU A 197 21.44 -7.88 8.56
CA LEU A 197 20.06 -8.24 8.32
C LEU A 197 19.24 -8.35 9.61
N ARG A 198 19.87 -8.23 10.79
CA ARG A 198 19.10 -8.47 12.00
C ARG A 198 18.19 -7.28 12.31
N THR A 199 18.66 -6.09 12.03
CA THR A 199 17.86 -4.88 12.15
C THR A 199 17.08 -4.63 10.87
N GLU A 200 15.81 -4.24 10.98
CA GLU A 200 14.96 -3.96 9.81
C GLU A 200 15.68 -3.05 8.82
N TYR A 201 15.65 -3.45 7.54
CA TYR A 201 16.32 -2.76 6.46
C TYR A 201 15.36 -2.44 5.33
N GLY A 202 14.05 -2.54 5.63
CA GLY A 202 13.06 -2.24 4.63
C GLY A 202 13.19 -3.21 3.45
N GLY A 203 12.85 -2.70 2.28
CA GLY A 203 13.02 -3.45 1.05
C GLY A 203 14.34 -3.19 0.33
N MET A 204 15.46 -3.13 1.08
CA MET A 204 16.70 -2.68 0.46
C MET A 204 17.11 -3.58 -0.71
N ASN A 205 16.88 -4.91 -0.63
CA ASN A 205 17.21 -5.78 -1.75
C ASN A 205 16.42 -5.42 -3.01
N ASP A 206 15.08 -5.24 -2.84
CA ASP A 206 14.21 -4.76 -3.88
C ASP A 206 14.77 -3.50 -4.54
N ALA A 207 15.05 -2.44 -3.76
CA ALA A 207 15.47 -1.20 -4.35
C ALA A 207 16.78 -1.38 -5.12
N LEU A 208 17.73 -2.12 -4.55
CA LEU A 208 19.03 -2.30 -5.23
C LEU A 208 18.87 -3.10 -6.52
N TYR A 209 17.94 -4.07 -6.57
CA TYR A 209 17.71 -4.78 -7.82
C TYR A 209 17.15 -3.81 -8.86
N GLN A 210 16.32 -2.88 -8.41
CA GLN A 210 15.77 -1.88 -9.31
C GLN A 210 16.88 -0.97 -9.81
N VAL A 211 17.84 -0.63 -8.93
CA VAL A 211 19.01 0.16 -9.34
C VAL A 211 19.81 -0.58 -10.42
N ALA A 212 19.95 -1.89 -10.29
CA ALA A 212 20.74 -2.62 -11.24
C ALA A 212 20.16 -2.46 -12.65
N GLU A 213 18.84 -2.34 -12.78
CA GLU A 213 18.21 -2.12 -14.09
C GLU A 213 18.64 -0.81 -14.71
N ILE A 214 18.84 0.26 -13.91
CA ILE A 214 19.16 1.57 -14.45
C ILE A 214 20.67 1.79 -14.60
N ALA A 215 21.49 1.00 -13.89
CA ALA A 215 22.90 1.24 -13.89
C ALA A 215 23.47 0.98 -15.31
N ASP A 216 24.54 1.67 -15.60
CA ASP A 216 25.43 1.36 -16.72
C ASP A 216 25.90 -0.09 -16.62
N ALA A 217 26.15 -0.68 -17.80
CA ALA A 217 26.51 -2.08 -17.93
C ALA A 217 27.69 -2.40 -17.01
N SER A 218 28.65 -1.50 -16.93
CA SER A 218 29.89 -1.79 -16.23
C SER A 218 29.70 -1.69 -14.72
N ASP A 219 28.58 -1.09 -14.27
CA ASP A 219 28.24 -1.03 -12.86
C ASP A 219 27.23 -2.08 -12.39
N LYS A 220 26.60 -2.81 -13.31
CA LYS A 220 25.46 -3.65 -12.91
C LYS A 220 25.85 -4.72 -11.92
N GLN A 221 27.00 -5.37 -12.16
CA GLN A 221 27.40 -6.47 -11.30
C GLN A 221 27.67 -5.97 -9.88
N THR A 222 28.26 -4.79 -9.73
CA THR A 222 28.48 -4.25 -8.41
C THR A 222 27.14 -4.01 -7.70
N VAL A 223 26.18 -3.43 -8.43
CA VAL A 223 24.86 -3.19 -7.84
C VAL A 223 24.16 -4.49 -7.48
N LEU A 224 24.29 -5.53 -8.31
CA LEU A 224 23.67 -6.81 -8.05
C LEU A 224 24.29 -7.45 -6.82
N THR A 225 25.57 -7.24 -6.62
CA THR A 225 26.23 -7.74 -5.42
C THR A 225 25.66 -7.06 -4.18
N ALA A 226 25.48 -5.73 -4.24
CA ALA A 226 24.89 -5.01 -3.13
C ALA A 226 23.48 -5.56 -2.85
N ALA A 227 22.66 -5.71 -3.91
CA ALA A 227 21.30 -6.21 -3.75
C ALA A 227 21.28 -7.53 -3.00
N HIS A 228 22.17 -8.47 -3.41
CA HIS A 228 22.18 -9.82 -2.90
C HIS A 228 22.73 -9.87 -1.47
N LEU A 229 23.48 -8.82 -1.02
CA LEU A 229 23.86 -8.74 0.38
C LEU A 229 22.62 -8.61 1.28
N PHE A 230 21.53 -8.08 0.72
CA PHE A 230 20.30 -7.87 1.46
C PHE A 230 19.23 -8.91 1.12
N ASP A 231 19.62 -10.05 0.54
CA ASP A 231 18.70 -11.19 0.40
C ASP A 231 18.83 -12.12 1.62
N GLU A 232 17.77 -12.25 2.42
CA GLU A 232 17.79 -13.08 3.59
C GLU A 232 17.42 -14.51 3.21
N THR A 233 18.40 -15.21 2.63
CA THR A 233 18.16 -16.52 2.05
C THR A 233 17.74 -17.53 3.10
N ALA A 234 18.10 -17.37 4.38
CA ALA A 234 17.70 -18.34 5.37
C ALA A 234 16.18 -18.29 5.58
N LEU A 235 15.58 -17.08 5.58
CA LEU A 235 14.14 -16.89 5.62
C LEU A 235 13.49 -17.45 4.34
N PHE A 236 14.02 -17.04 3.18
CA PHE A 236 13.49 -17.52 1.93
C PHE A 236 13.48 -19.05 1.87
N GLN A 237 14.54 -19.71 2.39
CA GLN A 237 14.60 -21.16 2.33
C GLN A 237 13.45 -21.77 3.14
N LYS A 238 13.21 -21.26 4.35
CA LYS A 238 12.10 -21.74 5.15
C LYS A 238 10.77 -21.63 4.41
N LEU A 239 10.54 -20.47 3.81
CA LEU A 239 9.30 -20.24 3.12
C LEU A 239 9.18 -21.15 1.90
N ALA A 240 10.24 -21.26 1.12
CA ALA A 240 10.25 -22.11 -0.05
C ALA A 240 10.01 -23.58 0.35
N ASN A 241 10.47 -23.99 1.53
CA ASN A 241 10.33 -25.36 2.02
C ASN A 241 8.93 -25.60 2.60
N GLY A 242 8.09 -24.57 2.59
CA GLY A 242 6.68 -24.68 2.97
C GLY A 242 6.41 -24.51 4.46
N GLN A 243 7.35 -23.88 5.17
CA GLN A 243 7.19 -23.58 6.59
C GLN A 243 6.42 -22.28 6.73
N ASP A 244 5.80 -22.09 7.90
CA ASP A 244 5.25 -20.79 8.30
C ASP A 244 6.04 -20.34 9.52
N PRO A 245 7.10 -19.57 9.30
CA PRO A 245 7.97 -19.09 10.38
C PRO A 245 7.56 -17.71 10.87
N LEU A 246 6.33 -17.30 10.55
CA LEU A 246 5.99 -15.89 10.73
C LEU A 246 5.66 -15.50 12.18
N ASN A 247 5.20 -16.43 13.02
CA ASN A 247 4.79 -16.07 14.38
C ASN A 247 5.94 -15.38 15.11
N GLY A 248 5.73 -14.13 15.52
CA GLY A 248 6.76 -13.39 16.24
C GLY A 248 7.60 -12.47 15.35
N LEU A 249 7.50 -12.63 14.02
CA LEU A 249 8.23 -11.73 13.13
C LEU A 249 7.45 -10.42 12.98
N HIS A 250 8.20 -9.32 12.85
CA HIS A 250 7.62 -8.02 12.53
C HIS A 250 7.14 -8.07 11.08
N ALA A 251 5.86 -7.71 10.85
CA ALA A 251 5.22 -7.98 9.58
C ALA A 251 5.69 -7.05 8.49
N ASN A 252 5.66 -5.74 8.74
CA ASN A 252 6.14 -4.81 7.73
C ASN A 252 7.65 -4.91 7.47
N THR A 253 8.42 -5.43 8.46
CA THR A 253 9.83 -5.74 8.21
C THR A 253 9.96 -6.81 7.15
N THR A 254 9.08 -7.81 7.24
CA THR A 254 9.24 -9.04 6.48
C THR A 254 8.71 -8.94 5.05
N ILE A 255 7.48 -8.41 4.87
CA ILE A 255 6.84 -8.39 3.56
C ILE A 255 7.75 -7.88 2.44
N PRO A 256 8.40 -6.71 2.58
CA PRO A 256 9.21 -6.17 1.49
C PRO A 256 10.42 -7.02 1.13
N LYS A 257 10.87 -7.87 2.05
CA LYS A 257 11.96 -8.77 1.70
C LYS A 257 11.56 -9.70 0.56
N LEU A 258 10.29 -10.16 0.60
CA LEU A 258 9.80 -11.05 -0.43
C LEU A 258 9.52 -10.31 -1.73
N THR A 259 9.10 -9.03 -1.69
CA THR A 259 9.06 -8.25 -2.91
C THR A 259 10.46 -8.16 -3.50
N GLY A 260 11.48 -8.08 -2.65
CA GLY A 260 12.86 -8.07 -3.14
C GLY A 260 13.31 -9.41 -3.75
N ALA A 261 12.86 -10.54 -3.19
CA ALA A 261 13.09 -11.84 -3.83
C ALA A 261 12.48 -11.87 -5.24
N MET A 262 11.29 -11.30 -5.39
CA MET A 262 10.64 -11.24 -6.71
C MET A 262 11.40 -10.29 -7.65
N GLN A 263 11.97 -9.18 -7.13
CA GLN A 263 12.75 -8.27 -7.95
C GLN A 263 14.04 -8.94 -8.45
N ARG A 264 14.63 -9.84 -7.64
CA ARG A 264 15.75 -10.62 -8.14
C ARG A 264 15.32 -11.44 -9.36
N TYR A 265 14.20 -12.16 -9.21
CA TYR A 265 13.63 -12.95 -10.30
C TYR A 265 13.47 -12.12 -11.56
N VAL A 266 12.83 -10.95 -11.41
CA VAL A 266 12.58 -10.08 -12.54
C VAL A 266 13.86 -9.49 -13.13
N ALA A 267 14.78 -9.03 -12.27
CA ALA A 267 16.01 -8.43 -12.78
C ALA A 267 16.80 -9.43 -13.64
N TYR A 268 16.89 -10.69 -13.20
CA TYR A 268 17.69 -11.67 -13.93
C TYR A 268 16.94 -12.20 -15.14
N THR A 269 15.63 -12.44 -15.01
CA THR A 269 14.88 -13.00 -16.12
C THR A 269 14.62 -11.96 -17.23
N GLU A 270 14.65 -10.66 -16.98
CA GLU A 270 14.33 -9.68 -18.00
C GLU A 270 15.57 -9.17 -18.74
N ASP A 271 16.78 -9.48 -18.26
CA ASP A 271 18.01 -9.12 -18.95
C ASP A 271 18.78 -10.39 -19.26
N GLU A 272 18.84 -10.73 -20.53
CA GLU A 272 19.41 -11.99 -20.98
C GLU A 272 20.89 -12.10 -20.60
N ASP A 273 21.64 -10.98 -20.63
CA ASP A 273 23.04 -11.02 -20.21
C ASP A 273 23.14 -11.38 -18.72
N LEU A 274 22.24 -10.86 -17.90
CA LEU A 274 22.31 -11.16 -16.46
C LEU A 274 21.94 -12.61 -16.25
N TYR A 275 20.85 -13.06 -16.88
CA TYR A 275 20.39 -14.43 -16.76
C TYR A 275 21.51 -15.41 -17.13
N ASN A 276 22.22 -15.08 -18.20
CA ASN A 276 23.24 -15.99 -18.71
C ASN A 276 24.45 -16.02 -17.79
N SER A 277 24.65 -14.99 -16.97
CA SER A 277 25.79 -14.85 -16.07
C SER A 277 25.67 -15.79 -14.87
N LEU A 278 24.47 -16.32 -14.59
CA LEU A 278 24.31 -17.21 -13.43
C LEU A 278 24.85 -18.62 -13.69
N SER A 279 25.17 -19.31 -12.62
CA SER A 279 25.40 -20.75 -12.68
C SER A 279 24.08 -21.45 -12.95
N ALA A 280 24.13 -22.74 -13.30
CA ALA A 280 22.90 -23.50 -13.42
C ALA A 280 22.16 -23.54 -12.08
N ASP A 281 22.92 -23.66 -11.00
CA ASP A 281 22.38 -23.71 -9.64
C ASP A 281 21.61 -22.41 -9.35
N GLU A 282 22.26 -21.25 -9.56
CA GLU A 282 21.68 -19.92 -9.33
CA GLU A 282 21.57 -20.02 -9.20
C GLU A 282 20.42 -19.74 -10.17
N ARG A 283 20.48 -20.18 -11.43
CA ARG A 283 19.37 -20.03 -12.34
C ARG A 283 18.14 -20.81 -11.81
N GLY A 284 18.36 -22.07 -11.41
CA GLY A 284 17.28 -22.88 -10.84
C GLY A 284 16.71 -22.24 -9.58
N LYS A 285 17.58 -21.65 -8.75
CA LYS A 285 17.14 -21.02 -7.52
C LYS A 285 16.26 -19.80 -7.74
N LEU A 286 16.35 -19.13 -8.90
CA LEU A 286 15.41 -18.06 -9.21
C LEU A 286 13.98 -18.58 -8.97
N THR A 287 13.70 -19.80 -9.45
CA THR A 287 12.36 -20.39 -9.37
C THR A 287 12.18 -21.12 -8.04
N SER A 288 13.11 -22.00 -7.67
CA SER A 288 12.99 -22.90 -6.52
C SER A 288 13.15 -22.21 -5.15
N LEU A 289 13.83 -21.06 -5.07
CA LEU A 289 14.06 -20.38 -3.82
C LEU A 289 13.34 -19.04 -3.81
N TYR A 290 13.66 -18.14 -4.75
CA TYR A 290 13.17 -16.77 -4.69
C TYR A 290 11.67 -16.70 -5.04
N LEU A 291 11.28 -17.12 -6.26
CA LEU A 291 9.86 -17.12 -6.63
C LEU A 291 9.03 -17.96 -5.66
N LYS A 292 9.53 -19.16 -5.33
CA LYS A 292 8.79 -20.07 -4.46
C LYS A 292 8.59 -19.48 -3.07
N ALA A 293 9.62 -18.84 -2.50
CA ALA A 293 9.50 -18.19 -1.21
C ALA A 293 8.42 -17.13 -1.25
N ALA A 294 8.38 -16.33 -2.30
CA ALA A 294 7.41 -15.25 -2.40
C ALA A 294 6.01 -15.81 -2.58
N GLN A 295 5.83 -16.79 -3.50
CA GLN A 295 4.53 -17.43 -3.71
C GLN A 295 3.98 -18.02 -2.41
N ASN A 296 4.83 -18.76 -1.71
CA ASN A 296 4.40 -19.39 -0.47
C ASN A 296 4.12 -18.38 0.63
N PHE A 297 4.95 -17.33 0.75
CA PHE A 297 4.71 -16.30 1.74
C PHE A 297 3.35 -15.65 1.50
N PHE A 298 3.09 -15.27 0.25
CA PHE A 298 1.84 -14.59 -0.08
C PHE A 298 0.66 -15.46 0.33
N ASP A 299 0.75 -16.74 -0.01
CA ASP A 299 -0.34 -17.67 0.27
C ASP A 299 -0.55 -17.86 1.77
N ILE A 300 0.52 -18.03 2.56
CA ILE A 300 0.32 -18.26 3.99
C ILE A 300 -0.21 -17.00 4.65
N VAL A 301 0.27 -15.85 4.21
CA VAL A 301 -0.23 -14.58 4.77
C VAL A 301 -1.74 -14.46 4.52
N VAL A 302 -2.18 -14.61 3.28
CA VAL A 302 -3.59 -14.39 2.96
C VAL A 302 -4.45 -15.45 3.64
N LYS A 303 -3.98 -16.70 3.69
CA LYS A 303 -4.83 -17.77 4.25
C LYS A 303 -4.92 -17.73 5.78
N ASP A 304 -3.82 -17.41 6.45
CA ASP A 304 -3.68 -17.65 7.88
C ASP A 304 -3.41 -16.38 8.71
N HIS A 305 -3.22 -15.19 8.10
CA HIS A 305 -2.72 -14.05 8.84
C HIS A 305 -3.47 -12.76 8.45
N THR A 306 -4.54 -12.90 7.65
CA THR A 306 -5.17 -11.75 7.03
C THR A 306 -6.62 -11.59 7.52
N TYR A 307 -6.97 -10.34 7.86
CA TYR A 307 -8.32 -9.91 8.24
C TYR A 307 -9.18 -9.64 7.02
N VAL A 308 -10.47 -9.37 7.23
CA VAL A 308 -11.41 -9.30 6.15
C VAL A 308 -11.08 -8.18 5.16
N ASN A 309 -10.37 -7.14 5.60
CA ASN A 309 -10.09 -6.04 4.71
C ASN A 309 -8.79 -6.26 3.90
N GLY A 310 -8.15 -7.43 3.98
CA GLY A 310 -6.91 -7.69 3.23
C GLY A 310 -5.65 -7.39 4.04
N GLY A 311 -5.80 -6.83 5.25
CA GLY A 311 -4.70 -6.43 6.10
C GLY A 311 -4.23 -7.51 7.06
N ASN A 312 -3.03 -7.27 7.64
CA ASN A 312 -2.45 -8.22 8.57
C ASN A 312 -1.76 -7.51 9.72
N SER A 313 -1.41 -8.31 10.73
CA SER A 313 -0.57 -7.99 11.88
C SER A 313 -1.37 -7.40 13.04
N GLN A 314 -0.78 -7.55 14.23
CA GLN A 314 -1.28 -6.87 15.41
C GLN A 314 -0.04 -6.50 16.23
N SER A 315 -0.02 -5.28 16.80
CA SER A 315 1.17 -4.74 17.46
C SER A 315 2.36 -4.82 16.50
N GLU A 316 2.08 -4.67 15.19
CA GLU A 316 3.05 -4.68 14.09
C GLU A 316 3.69 -6.04 13.79
N HIS A 317 3.22 -7.12 14.42
CA HIS A 317 3.81 -8.43 14.24
C HIS A 317 2.77 -9.42 13.70
N PHE A 318 3.28 -10.47 13.06
CA PHE A 318 2.53 -11.69 12.81
C PHE A 318 2.50 -12.52 14.09
N HIS A 319 1.39 -13.26 14.30
CA HIS A 319 1.21 -14.14 15.44
C HIS A 319 0.89 -15.53 14.90
N VAL A 320 0.08 -16.28 15.64
CA VAL A 320 -0.17 -17.68 15.38
C VAL A 320 -1.15 -17.78 14.22
N ALA A 321 -0.85 -18.68 13.27
CA ALA A 321 -1.72 -18.92 12.12
C ALA A 321 -3.17 -19.11 12.59
N GLY A 322 -4.05 -18.28 12.06
CA GLY A 322 -5.47 -18.46 12.26
C GLY A 322 -6.01 -17.75 13.50
N GLU A 323 -5.19 -17.11 14.30
CA GLU A 323 -5.68 -16.57 15.58
C GLU A 323 -6.06 -15.09 15.41
N LEU A 324 -6.88 -14.76 14.42
CA LEU A 324 -7.19 -13.37 14.14
C LEU A 324 -8.12 -12.73 15.16
N TRP A 325 -9.16 -13.43 15.62
CA TRP A 325 -10.01 -12.88 16.67
C TRP A 325 -9.21 -12.64 17.94
N LYS A 326 -8.43 -13.65 18.32
CA LYS A 326 -7.66 -13.52 19.54
C LYS A 326 -6.76 -12.29 19.51
N ASP A 327 -6.00 -12.10 18.43
CA ASP A 327 -5.09 -10.97 18.31
C ASP A 327 -5.84 -9.64 18.35
N ALA A 328 -7.02 -9.57 17.75
CA ALA A 328 -7.74 -8.32 17.59
C ALA A 328 -8.54 -7.94 18.84
N THR A 329 -8.78 -8.90 19.74
CA THR A 329 -9.74 -8.71 20.83
C THR A 329 -9.21 -9.07 22.21
N GLN A 330 -8.12 -9.82 22.34
CA GLN A 330 -7.67 -10.29 23.65
C GLN A 330 -6.41 -9.57 24.11
N ASN A 331 -6.17 -8.35 23.62
CA ASN A 331 -4.95 -7.64 23.91
C ASN A 331 -5.23 -6.27 24.55
N GLY A 332 -6.46 -6.07 25.10
CA GLY A 332 -6.74 -4.86 25.87
C GLY A 332 -7.27 -3.68 25.06
N ASP A 333 -8.12 -2.87 25.73
CA ASP A 333 -8.68 -1.68 25.11
C ASP A 333 -8.29 -0.42 25.85
N GLN A 334 -7.34 -0.51 26.80
CA GLN A 334 -6.89 0.69 27.52
C GLN A 334 -6.30 1.71 26.55
N ASN A 335 -6.39 3.00 26.90
CA ASN A 335 -5.82 4.04 26.07
C ASN A 335 -4.30 3.97 26.08
N GLY A 336 -3.75 4.20 24.89
CA GLY A 336 -2.33 4.28 24.64
C GLY A 336 -1.65 2.94 24.52
N GLY A 337 -0.39 3.02 24.08
CA GLY A 337 0.40 1.84 23.83
C GLY A 337 -0.08 1.17 22.52
N TYR A 338 0.24 -0.11 22.36
CA TYR A 338 -0.22 -0.93 21.24
C TYR A 338 -1.07 -2.09 21.76
N ARG A 339 -2.40 -2.04 21.58
CA ARG A 339 -3.29 -2.98 22.23
C ARG A 339 -4.22 -3.53 21.14
N ASN A 340 -5.51 -3.74 21.43
CA ASN A 340 -6.45 -4.31 20.46
C ASN A 340 -6.47 -3.46 19.20
N PHE A 341 -6.41 -2.15 19.37
CA PHE A 341 -6.53 -1.20 18.27
C PHE A 341 -5.35 -1.29 17.31
N SER A 342 -4.24 -1.94 17.70
CA SER A 342 -3.03 -1.95 16.89
C SER A 342 -3.01 -3.06 15.82
N THR A 343 -4.17 -3.45 15.30
CA THR A 343 -4.28 -4.34 14.15
C THR A 343 -4.03 -3.55 12.87
N VAL A 344 -3.46 -4.24 11.88
CA VAL A 344 -3.45 -3.76 10.51
C VAL A 344 -2.76 -2.41 10.38
N GLU A 345 -1.46 -2.40 10.68
CA GLU A 345 -0.60 -1.32 10.25
C GLU A 345 -0.82 -1.15 8.76
N THR A 346 -0.93 0.10 8.27
CA THR A 346 -1.26 0.36 6.87
C THR A 346 -0.08 0.15 5.92
N CYS A 347 1.17 0.45 6.32
CA CYS A 347 2.34 0.14 5.51
C CYS A 347 2.26 -1.30 4.95
N ASN A 348 1.79 -2.21 5.78
CA ASN A 348 1.80 -3.62 5.45
C ASN A 348 1.03 -3.88 4.17
N GLU A 349 -0.07 -3.13 3.96
CA GLU A 349 -0.88 -3.36 2.76
C GLU A 349 -0.30 -2.67 1.56
N TYR A 350 0.39 -1.52 1.73
CA TYR A 350 1.16 -0.96 0.63
C TYR A 350 2.15 -2.02 0.12
N ASN A 351 2.83 -2.69 1.06
CA ASN A 351 3.81 -3.72 0.71
C ASN A 351 3.15 -4.97 0.13
N MET A 352 2.01 -5.41 0.68
CA MET A 352 1.32 -6.57 0.16
C MET A 352 0.84 -6.31 -1.27
N LEU A 353 0.40 -5.10 -1.55
CA LEU A 353 -0.05 -4.76 -2.90
C LEU A 353 1.13 -4.80 -3.87
N LYS A 354 2.30 -4.30 -3.45
CA LYS A 354 3.44 -4.38 -4.35
C LYS A 354 3.85 -5.84 -4.58
N LEU A 355 3.74 -6.68 -3.57
CA LEU A 355 4.08 -8.09 -3.73
C LEU A 355 3.07 -8.78 -4.66
N ALA A 356 1.76 -8.52 -4.46
CA ALA A 356 0.77 -9.09 -5.34
C ALA A 356 0.97 -8.62 -6.79
N ARG A 357 1.39 -7.36 -6.96
CA ARG A 357 1.56 -6.77 -8.28
C ARG A 357 2.69 -7.48 -9.06
N ILE A 358 3.85 -7.71 -8.45
CA ILE A 358 4.99 -8.33 -9.12
C ILE A 358 4.72 -9.85 -9.30
N LEU A 359 4.03 -10.49 -8.34
CA LEU A 359 3.60 -11.86 -8.54
C LEU A 359 2.64 -11.99 -9.73
N PHE A 360 1.73 -11.00 -9.88
CA PHE A 360 0.85 -10.94 -11.04
C PHE A 360 1.67 -10.76 -12.31
N GLN A 361 2.59 -9.80 -12.35
CA GLN A 361 3.34 -9.54 -13.57
C GLN A 361 4.11 -10.79 -14.00
N VAL A 362 4.70 -11.55 -13.05
CA VAL A 362 5.43 -12.76 -13.39
C VAL A 362 4.49 -13.90 -13.78
N THR A 363 3.45 -14.20 -12.99
CA THR A 363 2.66 -15.42 -13.15
C THR A 363 1.40 -15.22 -13.98
N LYS A 364 0.88 -13.99 -14.03
CA LYS A 364 -0.43 -13.67 -14.59
C LYS A 364 -1.60 -14.33 -13.86
N ASP A 365 -1.40 -14.90 -12.67
CA ASP A 365 -2.48 -15.60 -12.01
C ASP A 365 -3.54 -14.60 -11.53
N SER A 366 -4.79 -14.85 -11.87
CA SER A 366 -5.89 -13.96 -11.51
C SER A 366 -6.07 -13.83 -9.99
N LYS A 367 -5.57 -14.77 -9.19
CA LYS A 367 -5.76 -14.70 -7.75
C LYS A 367 -5.04 -13.46 -7.19
N TYR A 368 -3.94 -13.03 -7.82
CA TYR A 368 -3.23 -11.87 -7.31
C TYR A 368 -4.03 -10.60 -7.61
N SER A 369 -4.74 -10.58 -8.75
CA SER A 369 -5.62 -9.45 -9.08
C SER A 369 -6.82 -9.37 -8.15
N GLU A 370 -7.39 -10.53 -7.81
CA GLU A 370 -8.51 -10.55 -6.87
C GLU A 370 -8.10 -9.95 -5.53
N TYR A 371 -6.90 -10.34 -5.06
CA TYR A 371 -6.36 -9.79 -3.82
C TYR A 371 -6.08 -8.30 -3.93
N TYR A 372 -5.43 -7.90 -5.03
CA TYR A 372 -5.10 -6.51 -5.28
C TYR A 372 -6.34 -5.62 -5.17
N GLU A 373 -7.36 -5.93 -5.95
CA GLU A 373 -8.61 -5.20 -5.92
C GLU A 373 -9.17 -5.09 -4.49
N HIS A 374 -9.28 -6.23 -3.84
CA HIS A 374 -9.84 -6.29 -2.50
C HIS A 374 -9.10 -5.37 -1.51
N THR A 375 -7.76 -5.42 -1.53
CA THR A 375 -6.96 -4.76 -0.51
C THR A 375 -6.79 -3.30 -0.87
N PHE A 376 -6.76 -3.00 -2.18
CA PHE A 376 -6.73 -1.61 -2.62
C PHE A 376 -7.98 -0.88 -2.11
N ILE A 377 -9.16 -1.49 -2.21
CA ILE A 377 -10.37 -0.81 -1.76
C ILE A 377 -10.43 -0.79 -0.24
N ASN A 378 -10.21 -1.94 0.38
CA ASN A 378 -10.64 -2.11 1.76
C ASN A 378 -9.54 -1.82 2.79
N ALA A 379 -8.30 -1.57 2.35
CA ALA A 379 -7.23 -1.19 3.25
C ALA A 379 -6.54 0.10 2.79
N ILE A 380 -6.37 0.31 1.47
CA ILE A 380 -5.66 1.48 1.01
C ILE A 380 -6.61 2.66 0.82
N VAL A 381 -7.60 2.55 -0.05
CA VAL A 381 -8.58 3.62 -0.18
C VAL A 381 -9.19 3.93 1.19
N ALA A 382 -9.43 2.87 1.97
CA ALA A 382 -10.02 2.99 3.30
C ALA A 382 -9.16 3.78 4.29
N SER A 383 -7.89 3.94 3.99
CA SER A 383 -6.92 4.56 4.89
C SER A 383 -7.00 6.08 4.90
N GLN A 384 -7.72 6.70 3.97
CA GLN A 384 -7.62 8.14 3.78
C GLN A 384 -8.87 8.85 4.31
N ASN A 385 -8.66 9.96 5.01
CA ASN A 385 -9.72 10.91 5.36
C ASN A 385 -10.01 11.74 4.10
N PRO A 386 -11.22 11.68 3.51
CA PRO A 386 -11.47 12.39 2.26
C PRO A 386 -11.51 13.91 2.33
N GLU A 387 -11.63 14.48 3.54
CA GLU A 387 -11.64 15.94 3.72
C GLU A 387 -10.22 16.49 3.85
N THR A 388 -9.29 15.74 4.48
CA THR A 388 -7.98 16.25 4.78
C THR A 388 -6.89 15.65 3.87
N GLY A 389 -7.15 14.47 3.29
CA GLY A 389 -6.10 13.75 2.59
C GLY A 389 -5.17 12.90 3.47
N MET A 390 -5.30 12.99 4.81
CA MET A 390 -4.35 12.29 5.68
C MET A 390 -4.71 10.80 5.83
N THR A 391 -3.74 9.99 6.33
CA THR A 391 -3.94 8.55 6.31
C THR A 391 -3.70 7.92 7.67
N THR A 392 -4.15 6.67 7.79
CA THR A 392 -4.11 5.88 9.02
C THR A 392 -2.74 5.21 9.28
N TYR A 393 -2.48 4.93 10.56
CA TYR A 393 -1.46 4.01 11.02
C TYR A 393 -2.12 2.64 11.15
N PHE A 394 -2.70 2.35 12.31
CA PHE A 394 -3.45 1.12 12.48
C PHE A 394 -4.86 1.25 11.92
N GLN A 395 -5.48 0.08 11.70
CA GLN A 395 -6.89 -0.05 11.34
C GLN A 395 -7.54 -1.03 12.32
N PRO A 396 -8.15 -0.56 13.41
CA PRO A 396 -8.75 -1.48 14.38
C PRO A 396 -9.79 -2.42 13.79
N MET A 397 -9.75 -3.69 14.21
CA MET A 397 -10.71 -4.68 13.75
C MET A 397 -11.82 -4.95 14.78
N LYS A 398 -11.52 -4.86 16.07
CA LYS A 398 -12.58 -4.91 17.07
C LYS A 398 -13.51 -3.69 16.96
N ALA A 399 -14.80 -3.90 17.18
CA ALA A 399 -15.76 -2.81 17.07
C ALA A 399 -15.59 -1.76 18.16
N GLY A 400 -15.93 -0.51 17.83
CA GLY A 400 -16.04 0.56 18.81
C GLY A 400 -14.87 1.55 18.80
N TYR A 401 -13.98 1.45 17.79
CA TYR A 401 -12.93 2.43 17.63
C TYR A 401 -13.27 3.37 16.47
N PRO A 402 -12.71 4.59 16.49
CA PRO A 402 -12.68 5.49 15.32
C PRO A 402 -11.49 5.17 14.45
N LYS A 403 -11.54 5.61 13.21
CA LYS A 403 -10.34 5.73 12.42
C LYS A 403 -9.60 6.98 12.85
N VAL A 404 -8.29 6.87 12.99
CA VAL A 404 -7.44 7.98 13.37
C VAL A 404 -6.45 8.21 12.24
N PHE A 405 -6.30 9.47 11.83
CA PHE A 405 -5.41 9.85 10.75
C PHE A 405 -4.27 10.70 11.28
N GLY A 406 -3.20 10.78 10.49
CA GLY A 406 -2.10 11.67 10.84
C GLY A 406 -2.43 13.14 10.57
N ILE A 407 -1.42 13.99 10.81
CA ILE A 407 -1.51 15.42 10.50
C ILE A 407 -0.42 15.80 9.49
N THR A 408 -0.55 17.02 8.94
CA THR A 408 0.32 17.42 7.83
C THR A 408 1.72 17.80 8.29
N GLY A 409 1.81 18.58 9.38
CA GLY A 409 3.05 19.23 9.77
C GLY A 409 3.47 20.35 8.82
N THR A 410 2.54 20.80 7.97
CA THR A 410 2.82 21.85 7.00
C THR A 410 1.65 22.83 7.06
N ASP A 411 1.63 23.83 6.19
CA ASP A 411 0.47 24.73 6.26
C ASP A 411 -0.74 24.15 5.53
N TYR A 412 -0.57 22.98 4.87
CA TYR A 412 -1.71 22.27 4.31
C TYR A 412 -2.64 21.87 5.44
N ASP A 413 -3.95 22.04 5.25
CA ASP A 413 -4.97 21.65 6.22
C ASP A 413 -4.80 22.39 7.53
N ALA A 414 -4.31 23.64 7.49
CA ALA A 414 -4.20 24.38 8.77
C ALA A 414 -5.55 24.60 9.45
N ASP A 415 -6.68 24.59 8.71
CA ASP A 415 -7.98 24.72 9.34
C ASP A 415 -8.32 23.50 10.20
N TRP A 416 -7.72 22.33 9.92
CA TRP A 416 -7.87 21.15 10.74
C TRP A 416 -6.82 21.01 11.86
N PHE A 417 -5.54 21.25 11.56
CA PHE A 417 -4.43 20.84 12.39
C PHE A 417 -3.65 22.06 12.93
N GLY A 418 -4.03 23.25 12.50
CA GLY A 418 -3.38 24.47 12.99
C GLY A 418 -1.88 24.48 12.71
N GLY A 419 -1.12 24.87 13.71
CA GLY A 419 0.32 24.96 13.61
C GLY A 419 1.08 23.73 14.15
N ALA A 420 0.42 22.59 14.32
CA ALA A 420 1.06 21.48 15.00
C ALA A 420 2.23 20.95 14.16
N ILE A 421 3.30 20.61 14.85
CA ILE A 421 4.45 19.94 14.23
C ILE A 421 4.04 18.54 13.81
N GLY A 422 4.50 18.15 12.63
CA GLY A 422 4.12 16.87 12.07
C GLY A 422 4.86 15.69 12.74
N GLU A 423 4.37 14.48 12.45
CA GLU A 423 4.92 13.26 13.00
C GLU A 423 5.61 12.42 11.91
N TYR A 424 5.02 12.31 10.71
CA TYR A 424 5.68 11.62 9.58
C TYR A 424 5.96 10.17 9.95
N TRP A 425 4.92 9.45 10.37
CA TRP A 425 5.00 7.99 10.51
C TRP A 425 5.38 7.32 9.20
N CYS A 426 5.97 6.10 9.31
CA CYS A 426 6.10 5.21 8.18
C CYS A 426 4.80 5.16 7.38
N CYS A 427 3.66 5.00 8.07
CA CYS A 427 2.37 4.82 7.44
C CYS A 427 1.98 6.08 6.65
N GLN A 428 2.44 7.27 7.07
CA GLN A 428 2.18 8.47 6.32
C GLN A 428 3.04 8.53 5.08
N GLY A 429 4.25 7.98 5.13
CA GLY A 429 5.17 7.95 3.99
C GLY A 429 4.75 6.93 2.92
N THR A 430 4.41 5.70 3.33
CA THR A 430 3.75 4.82 2.37
C THR A 430 2.42 5.41 1.90
N GLY A 431 1.70 6.10 2.80
CA GLY A 431 0.45 6.77 2.47
C GLY A 431 0.55 7.73 1.28
N ILE A 432 1.56 8.60 1.30
CA ILE A 432 1.68 9.57 0.22
C ILE A 432 1.95 8.86 -1.10
N GLU A 433 2.67 7.75 -1.07
CA GLU A 433 2.88 6.99 -2.29
C GLU A 433 1.57 6.34 -2.73
N ASN A 434 0.81 5.75 -1.80
CA ASN A 434 -0.44 5.09 -2.15
C ASN A 434 -1.32 5.98 -3.02
N PHE A 435 -1.47 7.25 -2.60
CA PHE A 435 -2.32 8.19 -3.32
C PHE A 435 -1.65 8.91 -4.51
N ALA A 436 -0.31 9.02 -4.53
CA ALA A 436 0.37 9.59 -5.69
C ALA A 436 0.31 8.62 -6.86
N LYS A 437 0.33 7.32 -6.60
CA LYS A 437 0.36 6.30 -7.66
C LYS A 437 -1.00 5.62 -7.78
N LEU A 438 -2.07 6.30 -7.34
CA LEU A 438 -3.37 5.69 -7.12
C LEU A 438 -3.93 5.03 -8.39
N ASN A 439 -3.50 5.48 -9.56
CA ASN A 439 -4.00 4.91 -10.81
C ASN A 439 -3.00 3.97 -11.49
N ASP A 440 -2.00 3.45 -10.78
CA ASP A 440 -0.92 2.73 -11.46
C ASP A 440 -1.24 1.26 -11.69
N SER A 441 -2.37 0.75 -11.19
CA SER A 441 -2.62 -0.70 -11.22
C SER A 441 -4.05 -0.99 -11.64
N PHE A 442 -4.64 -0.08 -12.45
CA PHE A 442 -5.94 -0.34 -13.03
C PHE A 442 -5.86 -1.36 -14.16
N TYR A 443 -4.80 -1.22 -15.00
CA TYR A 443 -4.63 -2.02 -16.21
C TYR A 443 -3.15 -2.40 -16.30
N PHE A 444 -2.90 -3.60 -16.85
CA PHE A 444 -1.56 -4.07 -17.19
C PHE A 444 -1.47 -4.49 -18.66
N THR A 445 -0.51 -3.88 -19.39
CA THR A 445 -0.27 -4.14 -20.80
C THR A 445 0.77 -5.25 -20.87
N ASP A 446 0.54 -6.29 -21.68
CA ASP A 446 1.55 -7.34 -21.85
C ASP A 446 1.45 -7.84 -23.29
N GLU A 447 2.37 -7.37 -24.16
CA GLU A 447 2.24 -7.61 -25.59
C GLU A 447 0.90 -7.06 -26.05
N ASN A 448 0.05 -7.83 -26.73
CA ASN A 448 -1.21 -7.26 -27.17
C ASN A 448 -2.35 -7.66 -26.21
N ASN A 449 -2.00 -8.05 -24.96
CA ASN A 449 -3.01 -8.30 -23.95
C ASN A 449 -3.14 -7.06 -23.05
N VAL A 450 -4.36 -6.81 -22.62
CA VAL A 450 -4.63 -5.73 -21.70
C VAL A 450 -5.43 -6.30 -20.55
N TYR A 451 -4.78 -6.46 -19.38
CA TYR A 451 -5.44 -7.00 -18.21
C TYR A 451 -6.17 -5.90 -17.44
N VAL A 452 -7.44 -6.17 -17.13
CA VAL A 452 -8.25 -5.28 -16.32
C VAL A 452 -8.08 -5.76 -14.87
N ASN A 453 -7.28 -5.06 -14.08
CA ASN A 453 -7.01 -5.49 -12.70
C ASN A 453 -8.14 -5.05 -11.75
N MET A 454 -8.69 -3.83 -11.98
CA MET A 454 -9.77 -3.33 -11.15
C MET A 454 -10.83 -2.66 -12.02
N PHE A 455 -12.01 -2.47 -11.46
CA PHE A 455 -13.15 -1.91 -12.15
C PHE A 455 -13.39 -0.49 -11.66
N TRP A 456 -12.92 0.48 -12.42
CA TRP A 456 -13.08 1.89 -12.10
C TRP A 456 -13.34 2.65 -13.40
N SER A 457 -14.15 3.72 -13.33
CA SER A 457 -14.31 4.57 -14.48
C SER A 457 -12.98 5.27 -14.78
N SER A 458 -12.49 5.05 -16.00
CA SER A 458 -11.18 5.51 -16.39
C SER A 458 -10.99 5.41 -17.90
N THR A 459 -9.93 6.05 -18.42
CA THR A 459 -9.56 5.88 -19.82
C THR A 459 -8.11 5.47 -19.90
N TYR A 460 -7.87 4.38 -20.58
CA TYR A 460 -6.54 3.79 -20.76
C TYR A 460 -6.04 3.99 -22.20
N THR A 461 -4.79 4.46 -22.28
CA THR A 461 -4.01 4.48 -23.51
C THR A 461 -2.60 3.99 -23.18
N ASP A 462 -1.84 3.64 -24.21
CA ASP A 462 -0.46 3.19 -23.97
C ASP A 462 0.33 3.67 -25.19
N THR A 463 1.54 4.20 -25.00
CA THR A 463 2.33 4.69 -26.13
C THR A 463 2.77 3.55 -27.05
N ARG A 464 2.72 2.28 -26.61
CA ARG A 464 3.16 1.16 -27.41
C ARG A 464 2.12 0.72 -28.47
N HIS A 465 0.89 1.27 -28.42
CA HIS A 465 -0.18 0.86 -29.34
C HIS A 465 -1.14 2.02 -29.55
N ASN A 466 -2.17 1.80 -30.39
CA ASN A 466 -3.06 2.88 -30.81
CA ASN A 466 -3.05 2.85 -30.85
C ASN A 466 -4.51 2.61 -30.42
N LEU A 467 -4.74 1.80 -29.36
CA LEU A 467 -6.12 1.65 -28.86
C LEU A 467 -6.33 2.46 -27.57
N THR A 468 -7.57 2.96 -27.44
CA THR A 468 -8.04 3.67 -26.28
C THR A 468 -9.21 2.88 -25.71
N ILE A 469 -9.16 2.62 -24.41
CA ILE A 469 -10.24 1.90 -23.75
C ILE A 469 -10.83 2.78 -22.66
N THR A 470 -12.15 3.04 -22.74
CA THR A 470 -12.86 3.78 -21.71
C THR A 470 -13.76 2.83 -20.94
N GLN A 471 -13.51 2.72 -19.62
CA GLN A 471 -14.27 1.86 -18.73
C GLN A 471 -15.22 2.78 -17.95
N THR A 472 -16.49 2.34 -17.79
CA THR A 472 -17.42 2.97 -16.86
C THR A 472 -17.85 1.90 -15.86
N ALA A 473 -17.60 2.19 -14.59
CA ALA A 473 -17.90 1.20 -13.57
C ALA A 473 -18.28 1.91 -12.27
N ASN A 474 -19.17 1.23 -11.56
CA ASN A 474 -19.70 1.71 -10.32
C ASN A 474 -19.92 0.57 -9.33
N VAL A 475 -19.28 -0.59 -9.54
CA VAL A 475 -19.60 -1.76 -8.73
C VAL A 475 -19.20 -1.51 -7.28
N PRO A 476 -19.96 -1.99 -6.28
CA PRO A 476 -21.23 -2.71 -6.43
C PRO A 476 -22.51 -1.89 -6.29
N LYS A 477 -22.43 -0.58 -6.45
CA LYS A 477 -23.61 0.27 -6.41
C LYS A 477 -24.55 -0.07 -7.58
N THR A 478 -23.96 -0.25 -8.77
CA THR A 478 -24.68 -0.78 -9.94
C THR A 478 -23.83 -1.92 -10.53
N GLU A 479 -24.50 -2.82 -11.25
CA GLU A 479 -23.82 -4.07 -11.59
C GLU A 479 -23.17 -4.10 -12.97
N ASP A 480 -23.53 -3.21 -13.90
CA ASP A 480 -22.94 -3.25 -15.24
C ASP A 480 -21.65 -2.42 -15.34
N VAL A 481 -20.61 -3.07 -15.83
CA VAL A 481 -19.37 -2.43 -16.21
C VAL A 481 -19.36 -2.35 -17.73
N THR A 482 -19.06 -1.18 -18.30
CA THR A 482 -18.95 -1.08 -19.74
C THR A 482 -17.54 -0.71 -20.16
N PHE A 483 -17.16 -1.20 -21.36
CA PHE A 483 -15.92 -0.85 -22.03
C PHE A 483 -16.23 -0.36 -23.44
N GLU A 484 -15.63 0.78 -23.84
CA GLU A 484 -15.76 1.27 -25.20
C GLU A 484 -14.34 1.44 -25.74
N VAL A 485 -14.09 0.94 -26.96
CA VAL A 485 -12.76 0.91 -27.51
C VAL A 485 -12.71 1.75 -28.79
N SER A 486 -11.65 2.56 -28.96
CA SER A 486 -11.50 3.31 -30.19
C SER A 486 -10.04 3.28 -30.57
N GLY A 487 -9.76 3.61 -31.83
CA GLY A 487 -8.39 3.76 -32.32
C GLY A 487 -8.15 2.88 -33.53
N THR A 488 -6.95 2.25 -33.58
CA THR A 488 -6.64 1.27 -34.62
C THR A 488 -5.86 0.12 -34.01
N GLY A 489 -5.88 -1.02 -34.72
CA GLY A 489 -5.21 -2.22 -34.24
C GLY A 489 -6.14 -3.10 -33.42
N SER A 490 -5.61 -4.23 -32.94
CA SER A 490 -6.38 -5.14 -32.12
C SER A 490 -5.65 -5.44 -30.81
N ALA A 491 -6.38 -5.98 -29.86
CA ALA A 491 -5.82 -6.43 -28.60
C ALA A 491 -6.76 -7.45 -27.98
N ASN A 492 -6.28 -8.09 -26.90
CA ASN A 492 -7.02 -9.07 -26.15
C ASN A 492 -7.27 -8.51 -24.76
N LEU A 493 -8.53 -8.20 -24.47
CA LEU A 493 -8.90 -7.69 -23.15
C LEU A 493 -9.07 -8.88 -22.23
N LYS A 494 -8.43 -8.82 -21.07
CA LYS A 494 -8.45 -9.90 -20.11
C LYS A 494 -9.29 -9.49 -18.89
N LEU A 495 -10.34 -10.25 -18.59
CA LEU A 495 -11.27 -9.93 -17.51
C LEU A 495 -11.28 -11.06 -16.49
N ARG A 496 -11.34 -10.67 -15.21
CA ARG A 496 -11.47 -11.59 -14.11
C ARG A 496 -12.95 -11.83 -13.85
N VAL A 497 -13.33 -13.07 -13.49
CA VAL A 497 -14.66 -13.35 -13.00
C VAL A 497 -14.57 -13.27 -11.49
N PRO A 498 -15.00 -12.18 -10.84
CA PRO A 498 -14.70 -12.01 -9.43
C PRO A 498 -15.38 -13.05 -8.56
N ASP A 499 -14.69 -13.44 -7.50
CA ASP A 499 -15.27 -14.33 -6.48
C ASP A 499 -16.37 -13.62 -5.72
N TRP A 500 -16.37 -12.28 -5.78
CA TRP A 500 -17.37 -11.51 -5.07
C TRP A 500 -18.67 -11.35 -5.84
N ALA A 501 -18.72 -11.82 -7.09
CA ALA A 501 -19.92 -11.71 -7.91
C ALA A 501 -20.75 -12.98 -7.73
N ILE A 502 -22.05 -12.85 -7.82
CA ILE A 502 -22.93 -14.02 -7.87
C ILE A 502 -22.67 -14.76 -9.19
N THR A 503 -22.02 -15.91 -9.10
CA THR A 503 -21.45 -16.58 -10.26
C THR A 503 -22.49 -16.77 -11.37
N ASN A 504 -23.66 -17.31 -11.06
CA ASN A 504 -24.66 -17.63 -12.07
C ASN A 504 -25.29 -16.38 -12.69
N GLY A 505 -25.07 -15.19 -12.11
CA GLY A 505 -25.60 -13.96 -12.67
C GLY A 505 -24.58 -13.18 -13.51
N VAL A 506 -23.32 -13.59 -13.52
CA VAL A 506 -22.32 -12.91 -14.32
C VAL A 506 -22.62 -13.11 -15.82
N LYS A 507 -22.58 -12.03 -16.58
CA LYS A 507 -22.90 -12.07 -18.00
C LYS A 507 -21.96 -11.15 -18.76
N LEU A 508 -21.44 -11.65 -19.89
CA LEU A 508 -20.57 -10.88 -20.74
C LEU A 508 -21.21 -10.73 -22.12
N VAL A 509 -21.47 -9.49 -22.52
CA VAL A 509 -22.00 -9.20 -23.83
C VAL A 509 -20.97 -8.36 -24.56
N VAL A 510 -20.60 -8.82 -25.77
CA VAL A 510 -19.59 -8.19 -26.58
C VAL A 510 -20.21 -7.89 -27.95
N ASP A 511 -20.24 -6.60 -28.31
CA ASP A 511 -20.83 -6.16 -29.58
C ASP A 511 -22.22 -6.77 -29.73
N GLY A 512 -22.98 -6.73 -28.65
CA GLY A 512 -24.39 -7.06 -28.66
C GLY A 512 -24.72 -8.54 -28.61
N THR A 513 -23.71 -9.41 -28.44
CA THR A 513 -23.89 -10.86 -28.37
C THR A 513 -23.19 -11.40 -27.13
N GLU A 514 -23.87 -12.30 -26.45
CA GLU A 514 -23.35 -12.91 -25.22
C GLU A 514 -22.14 -13.77 -25.55
N GLN A 515 -21.07 -13.72 -24.74
CA GLN A 515 -19.88 -14.55 -24.89
C GLN A 515 -19.77 -15.45 -23.64
N ALA A 516 -19.36 -16.72 -23.81
CA ALA A 516 -19.07 -17.60 -22.69
C ALA A 516 -17.93 -17.06 -21.81
N LEU A 517 -17.97 -17.45 -20.53
CA LEU A 517 -16.95 -17.03 -19.57
C LEU A 517 -15.83 -18.05 -19.51
N THR A 518 -15.23 -18.34 -20.67
CA THR A 518 -14.21 -19.35 -20.77
C THR A 518 -12.90 -18.76 -20.23
N LYS A 519 -12.30 -19.41 -19.24
CA LYS A 519 -11.07 -18.91 -18.66
C LYS A 519 -9.83 -19.53 -19.30
N ASP A 520 -8.78 -18.71 -19.46
CA ASP A 520 -7.45 -19.20 -19.82
C ASP A 520 -6.85 -19.92 -18.61
N GLU A 521 -5.62 -20.38 -18.77
CA GLU A 521 -5.04 -21.23 -17.75
C GLU A 521 -4.66 -20.41 -16.50
N ASN A 522 -4.77 -19.09 -16.57
CA ASN A 522 -4.45 -18.21 -15.44
C ASN A 522 -5.72 -17.63 -14.81
N GLY A 523 -6.91 -18.00 -15.32
CA GLY A 523 -8.18 -17.60 -14.74
C GLY A 523 -8.88 -16.41 -15.44
N TRP A 524 -8.38 -15.96 -16.59
CA TRP A 524 -8.92 -14.80 -17.27
C TRP A 524 -9.81 -15.14 -18.46
N VAL A 525 -10.93 -14.41 -18.56
CA VAL A 525 -11.75 -14.47 -19.77
C VAL A 525 -11.14 -13.48 -20.76
N THR A 526 -11.21 -13.80 -22.06
CA THR A 526 -10.53 -13.00 -23.06
C THR A 526 -11.54 -12.48 -24.09
N VAL A 527 -11.49 -11.17 -24.34
CA VAL A 527 -12.29 -10.57 -25.40
C VAL A 527 -11.38 -9.92 -26.44
N ALA A 528 -11.52 -10.31 -27.72
CA ALA A 528 -10.85 -9.58 -28.80
C ALA A 528 -11.48 -8.21 -28.93
N ILE A 529 -10.64 -7.15 -28.98
CA ILE A 529 -11.12 -5.78 -29.13
C ILE A 529 -10.41 -5.09 -30.29
N LYS A 530 -11.09 -4.03 -30.76
CA LYS A 530 -10.64 -3.16 -31.83
C LYS A 530 -11.52 -1.94 -31.83
N ASP A 531 -11.26 -1.02 -32.74
CA ASP A 531 -12.06 0.18 -32.87
C ASP A 531 -13.56 -0.14 -32.91
N GLY A 532 -14.35 0.52 -32.05
CA GLY A 532 -15.79 0.39 -31.99
C GLY A 532 -16.30 -0.75 -31.11
N ALA A 533 -15.40 -1.52 -30.49
CA ALA A 533 -15.85 -2.58 -29.61
C ALA A 533 -16.60 -1.97 -28.42
N LYS A 534 -17.69 -2.64 -28.04
CA LYS A 534 -18.53 -2.24 -26.92
C LYS A 534 -18.86 -3.48 -26.09
N ILE A 535 -18.48 -3.47 -24.80
CA ILE A 535 -18.61 -4.61 -23.92
C ILE A 535 -19.44 -4.16 -22.73
N THR A 536 -20.43 -4.98 -22.38
CA THR A 536 -21.15 -4.86 -21.13
C THR A 536 -20.90 -6.12 -20.32
N TYR A 537 -20.34 -5.92 -19.11
CA TYR A 537 -19.99 -7.00 -18.23
C TYR A 537 -20.80 -6.81 -16.95
N THR A 538 -21.77 -7.70 -16.73
CA THR A 538 -22.69 -7.64 -15.64
C THR A 538 -22.14 -8.46 -14.47
N LEU A 539 -21.92 -7.80 -13.33
CA LEU A 539 -21.27 -8.40 -12.16
C LEU A 539 -22.18 -8.20 -10.95
N PRO A 540 -23.25 -8.99 -10.79
CA PRO A 540 -24.14 -8.85 -9.64
C PRO A 540 -23.34 -9.11 -8.37
N ALA A 541 -23.47 -8.21 -7.40
CA ALA A 541 -22.69 -8.27 -6.19
C ALA A 541 -23.28 -9.29 -5.23
N LYS A 542 -22.40 -10.05 -4.59
CA LYS A 542 -22.76 -11.04 -3.58
C LYS A 542 -22.59 -10.43 -2.20
N LEU A 543 -23.62 -10.57 -1.37
CA LEU A 543 -23.53 -10.30 0.05
C LEU A 543 -23.08 -11.56 0.77
N GLN A 544 -22.01 -11.46 1.57
CA GLN A 544 -21.54 -12.63 2.28
C GLN A 544 -21.04 -12.23 3.67
N ALA A 545 -21.09 -13.23 4.54
CA ALA A 545 -20.55 -13.16 5.89
C ALA A 545 -19.18 -13.85 5.92
N ILE A 546 -18.19 -13.19 6.52
CA ILE A 546 -16.83 -13.69 6.65
C ILE A 546 -16.44 -13.65 8.13
N ASP A 547 -16.17 -14.83 8.69
CA ASP A 547 -15.77 -14.94 10.09
C ASP A 547 -14.26 -15.07 10.20
N ALA A 548 -13.82 -15.26 11.45
CA ALA A 548 -12.42 -15.57 11.74
C ALA A 548 -12.29 -17.09 11.94
N ALA A 549 -11.15 -17.62 11.52
CA ALA A 549 -10.88 -19.05 11.63
C ALA A 549 -10.98 -19.49 13.08
N ASP A 550 -10.64 -18.62 14.04
CA ASP A 550 -10.67 -18.98 15.44
C ASP A 550 -11.96 -18.51 16.11
N ASN A 551 -12.94 -17.94 15.40
CA ASN A 551 -14.17 -17.53 16.07
C ASN A 551 -15.29 -17.35 15.05
N LYS A 552 -16.17 -18.36 14.97
CA LYS A 552 -17.29 -18.33 14.04
C LYS A 552 -18.30 -17.25 14.45
N ASP A 553 -18.18 -16.72 15.67
CA ASP A 553 -19.13 -15.73 16.15
C ASP A 553 -18.62 -14.30 16.04
N TRP A 554 -17.49 -14.11 15.31
CA TRP A 554 -16.96 -12.76 15.05
C TRP A 554 -16.96 -12.61 13.53
N VAL A 555 -17.91 -11.81 13.01
CA VAL A 555 -18.31 -11.92 11.62
C VAL A 555 -18.37 -10.53 11.00
N ALA A 556 -17.73 -10.37 9.83
CA ALA A 556 -17.82 -9.19 9.01
C ALA A 556 -18.71 -9.45 7.81
N PHE A 557 -19.25 -8.38 7.24
CA PHE A 557 -20.09 -8.49 6.03
C PHE A 557 -19.49 -7.72 4.86
N GLN A 558 -19.62 -8.30 3.67
CA GLN A 558 -19.03 -7.79 2.45
C GLN A 558 -20.07 -7.88 1.35
N TYR A 559 -20.14 -6.80 0.56
CA TYR A 559 -21.04 -6.75 -0.58
C TYR A 559 -20.25 -6.43 -1.83
N GLY A 560 -20.22 -7.39 -2.75
CA GLY A 560 -19.32 -7.29 -3.89
C GLY A 560 -17.91 -7.12 -3.35
N PRO A 561 -17.08 -6.21 -3.91
CA PRO A 561 -15.74 -6.02 -3.39
C PRO A 561 -15.62 -5.07 -2.21
N VAL A 562 -16.73 -4.66 -1.59
CA VAL A 562 -16.77 -3.64 -0.53
C VAL A 562 -17.10 -4.27 0.82
N VAL A 563 -16.13 -4.24 1.74
CA VAL A 563 -16.44 -4.59 3.12
C VAL A 563 -17.33 -3.52 3.76
N LEU A 564 -18.39 -3.95 4.45
CA LEU A 564 -19.27 -3.03 5.11
C LEU A 564 -18.86 -2.76 6.55
N ALA A 565 -19.22 -1.57 7.03
CA ALA A 565 -19.01 -1.22 8.41
C ALA A 565 -20.29 -0.59 8.95
N GLY A 566 -20.59 -0.88 10.20
CA GLY A 566 -21.64 -0.16 10.88
C GLY A 566 -21.16 1.15 11.47
N ALA A 567 -21.96 2.21 11.33
CA ALA A 567 -21.69 3.50 11.94
C ALA A 567 -22.28 3.54 13.34
N LEU A 568 -21.41 3.65 14.36
CA LEU A 568 -21.85 3.38 15.73
C LEU A 568 -22.11 4.66 16.51
N THR A 569 -21.08 5.43 16.77
CA THR A 569 -21.18 6.66 17.56
C THR A 569 -20.34 7.75 16.92
N ASP A 570 -20.71 9.01 17.18
CA ASP A 570 -19.90 10.11 16.68
C ASP A 570 -18.50 10.11 17.31
N THR A 571 -17.51 10.59 16.54
CA THR A 571 -16.13 10.73 17.04
C THR A 571 -15.62 12.14 16.79
N ASN A 572 -14.67 12.55 17.65
CA ASN A 572 -14.06 13.88 17.59
C ASN A 572 -12.57 13.73 17.33
N TYR A 573 -12.13 14.09 16.12
CA TYR A 573 -10.74 13.85 15.72
C TYR A 573 -9.76 14.58 16.63
N LYS A 574 -10.22 15.59 17.38
CA LYS A 574 -9.27 16.33 18.20
C LYS A 574 -8.94 15.57 19.49
N THR A 575 -9.83 14.67 19.96
CA THR A 575 -9.67 14.04 21.26
C THR A 575 -9.74 12.51 21.27
N ASN A 576 -9.84 11.88 20.09
CA ASN A 576 -10.19 10.46 20.00
C ASN A 576 -8.97 9.55 19.95
N TYR A 577 -7.77 10.05 20.31
CA TYR A 577 -6.53 9.28 20.19
C TYR A 577 -5.65 9.49 21.42
N SER A 578 -4.78 8.50 21.64
CA SER A 578 -3.65 8.56 22.55
C SER A 578 -2.38 8.29 21.75
N TYR A 579 -1.27 8.02 22.46
CA TYR A 579 0.01 7.73 21.83
C TYR A 579 0.49 6.33 22.19
N GLY A 580 1.21 5.75 21.24
CA GLY A 580 1.98 4.55 21.48
C GLY A 580 3.27 4.60 20.67
N GLY A 581 4.21 3.70 20.97
CA GLY A 581 5.40 3.61 20.12
C GLY A 581 6.15 4.94 20.12
N VAL A 582 6.67 5.32 18.96
CA VAL A 582 7.35 6.58 18.78
C VAL A 582 6.39 7.54 18.10
N LYS A 583 5.70 8.38 18.89
CA LYS A 583 4.83 9.45 18.40
C LYS A 583 3.73 8.90 17.48
N VAL A 584 3.27 7.66 17.70
CA VAL A 584 2.19 7.09 16.89
C VAL A 584 0.84 7.33 17.57
N ARG A 585 -0.12 7.92 16.85
CA ARG A 585 -1.45 8.11 17.37
C ARG A 585 -2.23 6.82 17.24
N VAL A 586 -2.92 6.47 18.32
CA VAL A 586 -3.67 5.24 18.44
C VAL A 586 -5.07 5.54 18.96
N ALA A 587 -6.03 4.82 18.38
CA ALA A 587 -7.42 5.12 18.65
C ALA A 587 -7.81 4.82 20.11
N ASN A 588 -8.71 5.64 20.63
CA ASN A 588 -9.32 5.44 21.93
C ASN A 588 -10.65 4.70 21.81
N TYR A 589 -10.80 3.66 22.59
CA TYR A 589 -11.97 2.80 22.57
C TYR A 589 -13.22 3.50 23.13
N ASP A 590 -14.34 3.18 22.50
CA ASP A 590 -15.68 3.62 22.90
C ASP A 590 -16.48 2.38 23.28
N SER A 591 -16.50 2.05 24.57
CA SER A 591 -17.14 0.82 25.01
C SER A 591 -18.65 0.83 24.75
N GLU A 592 -19.33 1.98 24.82
CA GLU A 592 -20.75 2.03 24.48
C GLU A 592 -20.98 1.72 23.00
N ALA A 593 -20.05 2.17 22.15
CA ALA A 593 -20.14 1.87 20.73
C ALA A 593 -19.97 0.35 20.51
N ASN A 594 -19.00 -0.24 21.22
CA ASN A 594 -18.74 -1.66 21.05
C ASN A 594 -20.00 -2.46 21.38
N ALA A 595 -20.69 -2.05 22.45
CA ALA A 595 -21.88 -2.77 22.89
C ALA A 595 -22.96 -2.79 21.81
N LYS A 596 -22.99 -1.78 20.92
CA LYS A 596 -23.99 -1.78 19.86
C LYS A 596 -23.70 -2.84 18.78
N ALA A 597 -22.51 -3.41 18.77
CA ALA A 597 -22.11 -4.34 17.72
C ALA A 597 -22.48 -5.78 18.08
N ALA A 598 -23.35 -5.97 19.08
CA ALA A 598 -23.91 -7.29 19.38
C ALA A 598 -25.06 -7.56 18.41
N VAL A 599 -24.97 -8.67 17.68
CA VAL A 599 -25.98 -9.07 16.74
C VAL A 599 -26.68 -10.31 17.29
N ILE A 600 -27.92 -10.06 17.74
CA ILE A 600 -28.67 -11.02 18.54
C ILE A 600 -29.93 -11.36 17.77
N PRO A 601 -29.99 -12.53 17.13
CA PRO A 601 -31.20 -12.91 16.38
C PRO A 601 -32.45 -12.95 17.29
N THR A 602 -33.51 -12.35 16.83
CA THR A 602 -34.78 -12.30 17.56
C THR A 602 -35.26 -13.70 17.96
N SER A 603 -35.09 -14.65 17.05
CA SER A 603 -35.46 -16.05 17.24
C SER A 603 -34.37 -16.93 16.63
N GLY A 604 -34.19 -18.14 17.16
CA GLY A 604 -33.29 -19.11 16.54
C GLY A 604 -31.81 -18.87 16.85
N SER A 605 -30.96 -19.67 16.23
CA SER A 605 -29.52 -19.69 16.53
C SER A 605 -28.82 -18.64 15.66
N VAL A 606 -27.59 -18.35 16.04
CA VAL A 606 -26.68 -17.47 15.27
C VAL A 606 -26.41 -18.12 13.91
N THR A 607 -26.25 -19.46 13.90
CA THR A 607 -25.95 -20.16 12.65
C THR A 607 -27.11 -20.03 11.67
N ASP A 608 -28.35 -20.20 12.15
CA ASP A 608 -29.50 -20.07 11.29
C ASP A 608 -29.70 -18.64 10.84
N TRP A 609 -29.35 -17.68 11.67
CA TRP A 609 -29.49 -16.28 11.28
C TRP A 609 -28.52 -16.00 10.13
N LEU A 610 -27.28 -16.50 10.23
CA LEU A 610 -26.28 -16.27 9.18
C LEU A 610 -26.69 -16.95 7.90
N LYS A 611 -27.30 -18.14 7.99
CA LYS A 611 -27.79 -18.86 6.83
C LYS A 611 -28.91 -18.09 6.12
N GLY A 612 -29.64 -17.25 6.87
CA GLY A 612 -30.71 -16.48 6.28
C GLY A 612 -30.25 -15.18 5.62
N ILE A 613 -28.94 -14.95 5.55
CA ILE A 613 -28.43 -13.88 4.70
C ILE A 613 -28.49 -14.34 3.25
N LYS A 614 -29.14 -13.56 2.40
CA LYS A 614 -29.22 -13.89 0.98
C LYS A 614 -28.10 -13.21 0.19
N GLU A 615 -27.55 -13.91 -0.81
CA GLU A 615 -26.49 -13.36 -1.63
C GLU A 615 -26.95 -12.07 -2.31
N ASP A 616 -28.23 -11.96 -2.68
CA ASP A 616 -28.70 -10.76 -3.38
C ASP A 616 -29.19 -9.65 -2.45
N ALA A 617 -29.12 -9.83 -1.14
CA ALA A 617 -29.45 -8.81 -0.16
C ALA A 617 -30.89 -8.28 -0.30
N SER A 618 -31.78 -9.13 -0.80
CA SER A 618 -33.16 -8.74 -1.07
C SER A 618 -34.01 -8.87 0.19
N GLU A 619 -35.23 -8.30 0.13
CA GLU A 619 -36.21 -8.40 1.20
C GLU A 619 -36.37 -9.86 1.59
N GLY A 620 -36.37 -10.14 2.89
CA GLY A 620 -36.36 -11.52 3.34
C GLY A 620 -35.01 -11.91 3.93
N SER A 621 -33.93 -11.28 3.44
CA SER A 621 -32.59 -11.50 3.97
C SER A 621 -32.48 -10.97 5.40
N ASN A 622 -31.60 -11.58 6.20
CA ASN A 622 -31.28 -11.06 7.51
C ASN A 622 -30.35 -9.84 7.44
N LEU A 623 -29.80 -9.54 6.25
CA LEU A 623 -29.12 -8.28 6.01
C LEU A 623 -29.52 -7.78 4.63
N VAL A 624 -30.14 -6.59 4.60
CA VAL A 624 -30.92 -6.11 3.47
C VAL A 624 -30.29 -4.86 2.92
N ARG A 625 -30.11 -4.81 1.59
CA ARG A 625 -29.69 -3.58 0.91
C ARG A 625 -30.85 -2.59 0.86
N THR A 626 -30.62 -1.37 1.31
CA THR A 626 -31.67 -0.37 1.45
C THR A 626 -31.52 0.79 0.49
N ASP A 627 -30.35 1.00 -0.11
CA ASP A 627 -30.21 2.12 -1.04
C ASP A 627 -30.79 1.75 -2.39
N ASP A 628 -31.16 2.75 -3.15
CA ASP A 628 -31.62 2.57 -4.52
C ASP A 628 -30.40 2.59 -5.43
N PRO A 629 -30.17 1.53 -6.19
CA PRO A 629 -29.03 1.46 -7.11
C PRO A 629 -28.90 2.60 -8.10
N ASN A 630 -30.05 3.21 -8.43
CA ASN A 630 -30.08 4.20 -9.49
C ASN A 630 -30.09 5.63 -8.94
N THR A 631 -29.86 5.81 -7.64
CA THR A 631 -29.77 7.15 -7.07
C THR A 631 -28.50 7.21 -6.23
N GLY A 632 -27.69 8.25 -6.42
CA GLY A 632 -26.55 8.52 -5.58
C GLY A 632 -25.30 7.79 -6.08
N ASN A 633 -24.15 8.16 -5.52
CA ASN A 633 -22.89 7.57 -5.92
C ASN A 633 -22.60 6.30 -5.10
N ARG A 634 -21.44 5.67 -5.37
CA ARG A 634 -21.09 4.40 -4.75
C ARG A 634 -21.10 4.45 -3.22
N GLU A 635 -20.76 5.58 -2.63
CA GLU A 635 -20.62 5.64 -1.19
C GLU A 635 -21.98 5.74 -0.51
N THR A 636 -23.06 5.89 -1.27
CA THR A 636 -24.42 5.90 -0.72
C THR A 636 -24.93 4.49 -0.44
N LEU A 637 -24.17 3.43 -0.80
CA LEU A 637 -24.55 2.06 -0.47
C LEU A 637 -24.96 2.00 1.01
N SER A 638 -26.06 1.29 1.31
CA SER A 638 -26.57 1.23 2.68
C SER A 638 -27.32 -0.08 2.89
N PHE A 639 -27.15 -0.66 4.08
CA PHE A 639 -27.73 -1.92 4.46
C PHE A 639 -28.29 -1.79 5.88
N LYS A 640 -29.21 -2.70 6.23
CA LYS A 640 -29.78 -2.80 7.56
C LYS A 640 -29.92 -4.27 7.91
N PHE A 641 -29.71 -4.61 9.17
CA PHE A 641 -30.04 -5.94 9.68
C PHE A 641 -31.56 -6.11 9.72
N ALA A 642 -32.00 -7.36 9.65
CA ALA A 642 -33.37 -7.74 9.91
C ALA A 642 -33.38 -8.91 10.89
N ASN A 643 -34.50 -9.01 11.65
CA ASN A 643 -34.71 -10.11 12.58
C ASN A 643 -33.65 -10.16 13.66
N VAL A 644 -33.23 -8.98 14.16
CA VAL A 644 -32.34 -8.86 15.29
C VAL A 644 -32.95 -7.96 16.37
N ASP A 645 -32.48 -8.16 17.61
CA ASP A 645 -32.89 -7.38 18.78
C ASP A 645 -31.90 -6.25 19.08
N GLY A 646 -32.33 -5.26 19.89
CA GLY A 646 -31.42 -4.27 20.46
C GLY A 646 -30.94 -3.22 19.45
N ASP A 647 -29.84 -2.54 19.75
CA ASP A 647 -29.43 -1.37 19.00
C ASP A 647 -29.03 -1.70 17.56
N ALA A 648 -28.57 -2.93 17.29
CA ALA A 648 -28.10 -3.26 15.96
C ALA A 648 -29.24 -3.15 14.95
N ALA A 649 -30.49 -3.33 15.41
CA ALA A 649 -31.65 -3.24 14.54
C ALA A 649 -31.79 -1.85 13.90
N ASP A 650 -31.21 -0.81 14.50
CA ASP A 650 -31.40 0.53 13.97
C ASP A 650 -30.15 1.07 13.27
N LEU A 651 -29.03 0.32 13.22
CA LEU A 651 -27.79 0.84 12.61
C LEU A 651 -27.88 0.83 11.09
N THR A 652 -27.04 1.68 10.46
CA THR A 652 -26.81 1.62 9.03
C THR A 652 -25.43 0.99 8.85
N LEU A 653 -25.35 0.00 7.95
CA LEU A 653 -24.07 -0.48 7.44
C LEU A 653 -23.82 0.21 6.09
N GLN A 654 -22.58 0.69 5.91
CA GLN A 654 -22.21 1.43 4.73
C GLN A 654 -20.77 1.00 4.39
N PRO A 655 -20.15 1.49 3.29
CA PRO A 655 -18.79 1.07 3.00
C PRO A 655 -17.81 1.43 4.12
N TYR A 656 -16.98 0.45 4.53
CA TYR A 656 -15.88 0.71 5.45
C TYR A 656 -14.93 1.74 4.86
N TYR A 657 -14.66 1.70 3.53
CA TYR A 657 -13.60 2.54 2.99
C TYR A 657 -13.92 4.02 3.16
N SER A 658 -15.20 4.38 3.16
CA SER A 658 -15.64 5.77 3.23
C SER A 658 -16.08 6.22 4.62
N THR A 659 -16.01 5.31 5.60
CA THR A 659 -16.42 5.56 6.97
C THR A 659 -15.27 6.23 7.71
N TYR A 660 -15.54 7.39 8.30
CA TYR A 660 -14.54 8.10 9.07
C TYR A 660 -15.10 9.06 10.13
N LYS A 661 -16.38 9.42 10.05
CA LYS A 661 -16.93 10.41 10.98
C LYS A 661 -17.43 9.80 12.29
N THR A 662 -17.52 8.47 12.34
CA THR A 662 -18.03 7.75 13.50
C THR A 662 -17.07 6.62 13.84
N THR A 663 -17.18 6.12 15.05
CA THR A 663 -16.67 4.82 15.41
C THR A 663 -17.39 3.82 14.52
N TYR A 664 -16.80 2.63 14.34
CA TYR A 664 -17.35 1.66 13.41
C TYR A 664 -17.22 0.23 13.95
N ALA A 665 -18.03 -0.65 13.36
CA ALA A 665 -17.90 -2.09 13.46
C ALA A 665 -17.68 -2.67 12.07
N ILE A 666 -16.56 -3.38 11.90
CA ILE A 666 -16.34 -4.20 10.74
C ILE A 666 -16.71 -5.62 11.12
N TYR A 667 -16.13 -6.12 12.21
CA TYR A 667 -16.50 -7.42 12.76
C TYR A 667 -17.53 -7.19 13.87
N TRP A 668 -18.61 -7.97 13.79
CA TRP A 668 -19.73 -7.93 14.72
C TRP A 668 -19.66 -9.15 15.67
N ASP A 669 -20.21 -9.02 16.88
CA ASP A 669 -20.26 -10.12 17.83
C ASP A 669 -21.63 -10.80 17.76
N MET A 670 -21.68 -11.98 17.15
CA MET A 670 -22.89 -12.75 17.09
C MET A 670 -23.16 -13.32 18.47
N ALA A 671 -24.40 -13.15 19.00
CA ALA A 671 -24.69 -13.65 20.32
C ALA A 671 -26.12 -14.20 20.41
N GLU A 672 -26.33 -15.24 21.23
CA GLU A 672 -27.69 -15.76 21.47
C GLU A 672 -28.44 -14.86 22.47
N VAL A 673 -29.75 -14.64 22.22
CA VAL A 673 -30.60 -13.75 23.01
C VAL A 673 -30.09 -13.63 24.46
ZN ZN B . 3.71 1.96 8.94
C TRS C . 7.95 0.34 11.29
C1 TRS C . 8.81 -0.60 12.15
C2 TRS C . 8.35 0.29 9.82
C3 TRS C . 8.11 1.76 11.79
N TRS C . 6.51 -0.10 11.36
O1 TRS C . 10.15 -0.12 12.23
O2 TRS C . 8.28 -1.03 9.31
O3 TRS C . 7.12 1.94 12.81
NA NA D . -23.58 14.53 15.91
NA NA E . -14.55 -21.48 10.76
C1 GOL F . 7.18 3.01 15.80
O1 GOL F . 6.48 3.16 17.03
C2 GOL F . 8.06 1.77 15.82
O2 GOL F . 7.24 0.60 15.90
C3 GOL F . 9.01 1.77 17.01
O3 GOL F . 10.37 1.68 16.63
C1 GOL G . 25.32 16.66 13.14
O1 GOL G . 24.37 17.28 14.02
C2 GOL G . 26.11 17.68 12.34
O2 GOL G . 26.25 18.89 13.08
C3 GOL G . 27.47 17.20 11.88
O3 GOL G . 28.09 16.31 12.82
C1 GOL H . 3.98 0.57 22.25
O1 GOL H . 3.93 1.75 23.07
C2 GOL H . 5.29 -0.19 22.30
O2 GOL H . 6.37 0.56 21.73
C3 GOL H . 5.26 -1.50 21.55
O3 GOL H . 4.71 -2.51 22.38
C1 GOL I . -5.60 14.06 22.86
O1 GOL I . -6.48 13.37 21.97
C2 GOL I . -4.73 13.07 23.62
O2 GOL I . -4.85 13.31 25.02
C3 GOL I . -3.27 13.09 23.24
O3 GOL I . -2.83 14.40 22.91
MG MG J . 9.77 0.36 -11.21
#